data_4BQQ
#
_entry.id   4BQQ
#
_cell.length_a   96.040
_cell.length_b   96.040
_cell.length_c   117.230
_cell.angle_alpha   90.00
_cell.angle_beta   90.00
_cell.angle_gamma   90.00
#
_symmetry.space_group_name_H-M   'P 43'
#
loop_
_entity.id
_entity.type
_entity.pdbx_description
1 polymer INTEGRASE
2 water water
#
_entity_poly.entity_id   1
_entity_poly.type   'polypeptide(L)'
_entity_poly.pdbx_seq_one_letter_code
;MSYYHHHHHHDYDIPTTENLYFQGAMDTYAGAYDRQSRERENSSAASPATQRSANEDKAADLQREVERDGGRFRFVGHFS
EAPGTSAFGTAERPEFERILNECRAGRLNMIIVYDVSRFSRLKVMDAIPIVSELLALGVTIVSTQEGVFRQGNVMDLIHL
IMRLDASHKESSLKSAKILDTKNLQRELGGYVGGKAPYGFELVSETKEITRNGRMVNVVINKLAHSTTPLTGPFEFEPDV
IRWWWREIKTHKHLPFKPGSQAAIHPGSITGLCKRMDADAVPTRGETIGKKTASSAWDPATVMRILRDPRIAGFAAEVIY
KKKPDGTPTTKIEGYRIQRDPITLRPVELDCGPIIEPAEWYELQAWLDGRGRGKGLSRGQAILSAMDKLYCECGAV
;
_entity_poly.pdbx_strand_id   A,B
#
# COMPACT_ATOMS: atom_id res chain seq x y z
N MET A 26 -7.61 -10.08 -21.87
CA MET A 26 -8.09 -9.86 -20.48
C MET A 26 -7.97 -11.17 -19.68
N ASP A 27 -6.76 -11.75 -19.73
CA ASP A 27 -6.48 -12.99 -19.04
C ASP A 27 -5.35 -12.81 -18.03
N THR A 28 -5.61 -13.09 -16.77
CA THR A 28 -4.58 -12.99 -15.73
C THR A 28 -4.10 -14.38 -15.31
N TYR A 29 -2.79 -14.58 -15.36
CA TYR A 29 -2.16 -15.80 -14.85
C TYR A 29 -1.23 -15.42 -13.69
N ALA A 30 -1.57 -15.89 -12.49
CA ALA A 30 -0.94 -15.41 -11.27
C ALA A 30 -0.25 -16.56 -10.55
N GLY A 31 0.98 -16.29 -10.10
CA GLY A 31 1.68 -17.14 -9.15
C GLY A 31 1.92 -16.37 -7.85
N ALA A 32 2.13 -17.10 -6.76
CA ALA A 32 2.48 -16.47 -5.49
C ALA A 32 3.89 -16.92 -5.10
N TYR A 33 4.63 -16.03 -4.43
CA TYR A 33 5.95 -16.36 -3.94
C TYR A 33 6.09 -16.10 -2.44
N ASP A 34 6.64 -17.08 -1.73
CA ASP A 34 6.86 -16.96 -0.30
C ASP A 34 8.24 -17.52 0.10
N ARG A 35 8.78 -16.96 1.19
CA ARG A 35 10.04 -17.40 1.76
C ARG A 35 10.16 -16.83 3.16
N GLN A 36 10.97 -17.48 4.00
CA GLN A 36 11.25 -16.95 5.33
C GLN A 36 12.00 -15.65 5.26
N SER A 37 11.77 -14.79 6.26
CA SER A 37 12.57 -13.58 6.43
C SER A 37 13.98 -13.91 6.87
N ARG A 38 14.92 -13.04 6.53
CA ARG A 38 16.31 -13.13 7.00
C ARG A 38 16.51 -12.67 8.45
N GLU A 39 15.45 -12.72 9.25
CA GLU A 39 15.34 -12.02 10.55
C GLU A 39 15.20 -10.49 10.37
N ARG A 40 16.27 -9.87 9.90
CA ARG A 40 16.39 -8.41 9.81
C ARG A 40 15.60 -7.84 8.62
N SER A 44 9.99 -6.66 10.74
CA SER A 44 8.96 -7.64 11.13
C SER A 44 8.50 -8.44 9.90
N ALA A 45 7.84 -9.58 10.15
CA ALA A 45 7.46 -10.51 9.08
C ALA A 45 6.92 -11.84 9.62
N ALA A 46 6.05 -12.46 8.81
CA ALA A 46 5.35 -13.68 9.14
C ALA A 46 5.99 -14.95 8.54
N SER A 47 5.52 -16.09 9.03
CA SER A 47 5.96 -17.40 8.53
C SER A 47 5.51 -17.66 7.09
N PRO A 48 6.18 -18.61 6.41
CA PRO A 48 5.73 -19.01 5.08
C PRO A 48 4.24 -19.41 5.05
N ALA A 49 3.80 -20.12 6.08
CA ALA A 49 2.41 -20.55 6.21
C ALA A 49 1.46 -19.35 6.26
N THR A 50 1.83 -18.34 7.04
CA THR A 50 1.07 -17.09 7.12
C THR A 50 1.09 -16.38 5.76
N GLN A 51 2.23 -16.39 5.11
CA GLN A 51 2.33 -15.75 3.80
C GLN A 51 1.44 -16.45 2.77
N ARG A 52 1.50 -17.77 2.74
CA ARG A 52 0.75 -18.53 1.74
C ARG A 52 -0.75 -18.32 1.93
N SER A 53 -1.20 -18.31 3.18
CA SER A 53 -2.62 -18.15 3.50
C SER A 53 -3.14 -16.77 3.04
N ALA A 54 -2.38 -15.71 3.35
CA ALA A 54 -2.72 -14.37 2.86
C ALA A 54 -2.65 -14.32 1.33
N ASN A 55 -1.61 -14.91 0.76
CA ASN A 55 -1.44 -14.91 -0.70
C ASN A 55 -2.61 -15.60 -1.44
N GLU A 56 -3.05 -16.75 -0.95
CA GLU A 56 -4.15 -17.46 -1.62
C GLU A 56 -5.51 -16.80 -1.36
N ASP A 57 -5.71 -16.22 -0.18
CA ASP A 57 -6.91 -15.43 0.06
C ASP A 57 -6.98 -14.23 -0.88
N LYS A 58 -5.86 -13.54 -1.07
CA LYS A 58 -5.79 -12.45 -2.02
C LYS A 58 -6.09 -12.93 -3.45
N ALA A 59 -5.58 -14.09 -3.81
CA ALA A 59 -5.80 -14.64 -5.17
C ALA A 59 -7.28 -14.89 -5.40
N ALA A 60 -7.96 -15.48 -4.40
CA ALA A 60 -9.40 -15.74 -4.47
C ALA A 60 -10.21 -14.45 -4.62
N ASP A 61 -9.80 -13.39 -3.91
CA ASP A 61 -10.46 -12.08 -4.04
C ASP A 61 -10.29 -11.51 -5.45
N LEU A 62 -9.05 -11.54 -5.93
CA LEU A 62 -8.73 -11.03 -7.26
C LEU A 62 -9.52 -11.77 -8.32
N GLN A 63 -9.60 -13.09 -8.17
CA GLN A 63 -10.35 -13.91 -9.12
C GLN A 63 -11.80 -13.48 -9.22
N ARG A 64 -12.46 -13.32 -8.08
CA ARG A 64 -13.87 -12.88 -8.06
C ARG A 64 -14.04 -11.56 -8.81
N GLU A 65 -13.17 -10.59 -8.54
CA GLU A 65 -13.26 -9.28 -9.17
C GLU A 65 -13.11 -9.34 -10.68
N VAL A 66 -12.07 -10.06 -11.13
CA VAL A 66 -11.82 -10.18 -12.57
C VAL A 66 -12.98 -10.85 -13.28
N GLU A 67 -13.53 -11.91 -12.67
CA GLU A 67 -14.66 -12.64 -13.26
C GLU A 67 -15.94 -11.83 -13.27
N ARG A 68 -16.22 -11.12 -12.18
CA ARG A 68 -17.31 -10.15 -12.14
C ARG A 68 -17.20 -9.19 -13.32
N ASP A 69 -15.97 -8.76 -13.61
CA ASP A 69 -15.69 -7.82 -14.69
C ASP A 69 -15.55 -8.52 -16.06
N GLY A 70 -16.03 -9.76 -16.18
CA GLY A 70 -16.02 -10.48 -17.46
C GLY A 70 -14.74 -11.25 -17.82
N GLY A 71 -13.61 -10.84 -17.24
CA GLY A 71 -12.31 -11.43 -17.57
C GLY A 71 -12.07 -12.83 -17.04
N ARG A 72 -10.84 -13.30 -17.22
CA ARG A 72 -10.42 -14.60 -16.71
C ARG A 72 -9.18 -14.46 -15.83
N PHE A 73 -9.11 -15.30 -14.79
CA PHE A 73 -8.06 -15.26 -13.81
C PHE A 73 -7.73 -16.68 -13.40
N ARG A 74 -6.46 -17.03 -13.44
CA ARG A 74 -5.97 -18.34 -13.05
C ARG A 74 -4.83 -18.19 -12.03
N PHE A 75 -5.01 -18.78 -10.85
CA PHE A 75 -3.98 -18.88 -9.81
C PHE A 75 -3.28 -20.24 -9.94
N VAL A 76 -1.99 -20.23 -10.29
CA VAL A 76 -1.27 -21.47 -10.58
CA VAL A 76 -1.25 -21.47 -10.58
C VAL A 76 -0.62 -22.07 -9.33
N GLY A 77 -0.66 -21.34 -8.21
CA GLY A 77 -0.19 -21.86 -6.92
C GLY A 77 1.02 -21.12 -6.36
N HIS A 78 1.63 -21.76 -5.36
CA HIS A 78 2.69 -21.15 -4.57
C HIS A 78 4.06 -21.60 -4.99
N PHE A 79 4.95 -20.63 -5.20
CA PHE A 79 6.36 -20.89 -5.37
C PHE A 79 7.04 -20.58 -4.04
N SER A 80 7.41 -21.63 -3.33
CA SER A 80 7.80 -21.53 -1.93
C SER A 80 9.25 -21.93 -1.74
N GLU A 81 10.10 -21.00 -1.33
CA GLU A 81 11.51 -21.34 -1.11
C GLU A 81 11.67 -22.16 0.14
N ALA A 82 12.48 -23.20 0.03
CA ALA A 82 12.78 -24.09 1.15
C ALA A 82 13.56 -23.29 2.20
N PRO A 83 13.14 -23.35 3.47
CA PRO A 83 13.97 -22.76 4.52
C PRO A 83 15.39 -23.32 4.55
N GLY A 84 16.37 -22.51 4.17
CA GLY A 84 17.77 -22.94 4.23
C GLY A 84 18.73 -21.97 3.57
N ALA A 91 21.91 -22.71 -7.13
CA ALA A 91 20.97 -21.63 -6.90
C ALA A 91 20.65 -21.44 -5.43
N GLU A 92 20.81 -20.20 -4.95
CA GLU A 92 20.41 -19.81 -3.60
C GLU A 92 18.88 -19.74 -3.50
N ARG A 93 18.24 -19.28 -4.57
CA ARG A 93 16.80 -19.02 -4.54
C ARG A 93 16.13 -19.62 -5.78
N PRO A 94 16.17 -20.97 -5.91
CA PRO A 94 15.67 -21.61 -7.12
C PRO A 94 14.17 -21.44 -7.40
N GLU A 95 13.32 -21.35 -6.37
CA GLU A 95 11.89 -21.14 -6.61
C GLU A 95 11.60 -19.72 -7.08
N PHE A 96 12.31 -18.76 -6.49
CA PHE A 96 12.24 -17.36 -6.92
C PHE A 96 12.65 -17.29 -8.40
N GLU A 97 13.76 -17.91 -8.77
CA GLU A 97 14.19 -17.91 -10.16
C GLU A 97 13.16 -18.56 -11.08
N ARG A 98 12.54 -19.66 -10.62
CA ARG A 98 11.48 -20.27 -11.41
C ARG A 98 10.29 -19.33 -11.67
N ILE A 99 9.76 -18.70 -10.63
CA ILE A 99 8.62 -17.80 -10.84
C ILE A 99 9.01 -16.60 -11.73
N LEU A 100 10.22 -16.07 -11.56
CA LEU A 100 10.67 -14.97 -12.39
C LEU A 100 10.80 -15.39 -13.85
N ASN A 101 11.36 -16.58 -14.08
CA ASN A 101 11.47 -17.06 -15.45
C ASN A 101 10.12 -17.29 -16.13
N GLU A 102 9.13 -17.75 -15.39
CA GLU A 102 7.78 -17.84 -15.96
C GLU A 102 7.27 -16.47 -16.39
N CYS A 103 7.57 -15.44 -15.61
CA CYS A 103 7.20 -14.07 -15.98
C CYS A 103 7.97 -13.59 -17.19
N ARG A 104 9.26 -13.87 -17.25
CA ARG A 104 10.09 -13.47 -18.41
C ARG A 104 9.68 -14.17 -19.70
N ALA A 105 9.19 -15.40 -19.59
CA ALA A 105 8.69 -16.13 -20.76
C ALA A 105 7.24 -15.78 -21.08
N GLY A 106 6.61 -14.93 -20.29
CA GLY A 106 5.25 -14.51 -20.57
C GLY A 106 4.16 -15.53 -20.20
N ARG A 107 4.49 -16.52 -19.38
CA ARG A 107 3.47 -17.51 -18.96
C ARG A 107 2.69 -17.06 -17.73
N LEU A 108 3.31 -16.22 -16.91
CA LEU A 108 2.61 -15.57 -15.82
C LEU A 108 2.67 -14.07 -16.06
N ASN A 109 1.63 -13.35 -15.64
CA ASN A 109 1.63 -11.90 -15.70
C ASN A 109 1.24 -11.24 -14.40
N MET A 110 1.26 -12.01 -13.30
CA MET A 110 1.00 -11.47 -11.97
C MET A 110 1.76 -12.30 -10.96
N ILE A 111 2.43 -11.61 -10.04
CA ILE A 111 3.03 -12.26 -8.90
C ILE A 111 2.38 -11.69 -7.66
N ILE A 112 1.93 -12.57 -6.78
CA ILE A 112 1.42 -12.18 -5.49
C ILE A 112 2.48 -12.48 -4.44
N VAL A 113 2.75 -11.51 -3.56
CA VAL A 113 3.66 -11.71 -2.45
C VAL A 113 3.01 -11.15 -1.19
N TYR A 114 3.43 -11.64 -0.04
CA TYR A 114 2.91 -11.13 1.23
C TYR A 114 3.30 -9.66 1.39
N ASP A 115 4.55 -9.34 1.08
CA ASP A 115 5.02 -7.95 1.07
C ASP A 115 6.13 -7.78 0.06
N VAL A 116 6.36 -6.54 -0.35
CA VAL A 116 7.29 -6.33 -1.48
C VAL A 116 8.71 -6.71 -1.13
N SER A 117 9.00 -6.69 0.16
CA SER A 117 10.29 -7.09 0.69
C SER A 117 10.73 -8.53 0.33
N ARG A 118 9.78 -9.40 0.00
CA ARG A 118 10.08 -10.76 -0.44
C ARG A 118 10.97 -10.80 -1.67
N PHE A 119 10.89 -9.76 -2.50
CA PHE A 119 11.70 -9.70 -3.71
C PHE A 119 13.17 -9.45 -3.43
N SER A 120 13.50 -8.96 -2.24
CA SER A 120 14.88 -8.62 -1.92
C SER A 120 15.74 -9.82 -1.57
N ARG A 121 17.03 -9.66 -1.80
CA ARG A 121 18.03 -10.72 -1.59
C ARG A 121 18.80 -10.53 -0.28
N LEU A 122 19.33 -9.34 -0.04
CA LEU A 122 20.11 -9.04 1.18
C LEU A 122 19.54 -7.83 1.94
N LYS A 123 19.31 -6.73 1.22
CA LYS A 123 18.69 -5.51 1.75
C LYS A 123 17.46 -5.19 0.93
N VAL A 124 16.47 -4.56 1.56
CA VAL A 124 15.20 -4.32 0.90
C VAL A 124 15.37 -3.49 -0.38
N MET A 125 16.28 -2.53 -0.33
CA MET A 125 16.61 -1.73 -1.48
C MET A 125 16.96 -2.55 -2.76
N ASP A 126 17.57 -3.72 -2.60
CA ASP A 126 18.00 -4.52 -3.73
C ASP A 126 16.83 -5.21 -4.42
N ALA A 127 15.62 -5.02 -3.92
CA ALA A 127 14.43 -5.41 -4.66
C ALA A 127 14.13 -4.50 -5.88
N ILE A 128 14.66 -3.27 -5.87
CA ILE A 128 14.35 -2.29 -6.90
C ILE A 128 14.58 -2.77 -8.34
N PRO A 129 15.75 -3.34 -8.64
CA PRO A 129 15.98 -3.79 -10.01
C PRO A 129 15.01 -4.86 -10.48
N ILE A 130 14.70 -5.83 -9.63
CA ILE A 130 13.87 -6.95 -10.06
C ILE A 130 12.39 -6.56 -10.21
N VAL A 131 11.87 -5.71 -9.30
CA VAL A 131 10.50 -5.25 -9.47
C VAL A 131 10.39 -4.35 -10.71
N SER A 132 11.45 -3.60 -11.01
CA SER A 132 11.45 -2.75 -12.19
C SER A 132 11.42 -3.62 -13.48
N GLU A 133 12.23 -4.68 -13.50
CA GLU A 133 12.24 -5.63 -14.63
C GLU A 133 10.88 -6.26 -14.81
N LEU A 134 10.30 -6.76 -13.73
CA LEU A 134 9.00 -7.43 -13.80
C LEU A 134 7.92 -6.50 -14.33
N LEU A 135 7.87 -5.26 -13.81
CA LEU A 135 6.83 -4.35 -14.25
C LEU A 135 7.01 -3.95 -15.72
N ALA A 136 8.27 -3.84 -16.15
CA ALA A 136 8.56 -3.45 -17.54
C ALA A 136 8.15 -4.57 -18.51
N LEU A 137 8.06 -5.80 -17.98
CA LEU A 137 7.54 -6.94 -18.75
C LEU A 137 6.00 -6.98 -18.77
N GLY A 138 5.34 -6.06 -18.06
CA GLY A 138 3.87 -6.07 -17.99
C GLY A 138 3.31 -6.87 -16.82
N VAL A 139 4.15 -7.32 -15.91
CA VAL A 139 3.68 -8.04 -14.73
C VAL A 139 3.03 -7.11 -13.72
N THR A 140 1.93 -7.56 -13.13
CA THR A 140 1.36 -6.87 -12.00
C THR A 140 1.90 -7.52 -10.72
N ILE A 141 2.43 -6.71 -9.80
CA ILE A 141 2.81 -7.21 -8.48
C ILE A 141 1.72 -6.85 -7.49
N VAL A 142 1.21 -7.85 -6.77
CA VAL A 142 0.24 -7.63 -5.71
C VAL A 142 0.89 -7.95 -4.37
N SER A 143 1.05 -6.94 -3.52
CA SER A 143 1.49 -7.15 -2.16
C SER A 143 0.27 -7.20 -1.27
N THR A 144 0.11 -8.30 -0.54
CA THR A 144 -1.02 -8.45 0.36
C THR A 144 -1.03 -7.33 1.39
N GLN A 145 0.16 -6.88 1.80
CA GLN A 145 0.25 -5.86 2.85
C GLN A 145 0.25 -4.42 2.33
N GLU A 146 0.68 -4.22 1.08
CA GLU A 146 0.97 -2.86 0.58
C GLU A 146 0.18 -2.39 -0.63
N GLY A 147 -0.40 -3.31 -1.40
CA GLY A 147 -1.28 -2.92 -2.51
C GLY A 147 -0.81 -3.44 -3.84
N VAL A 148 -1.36 -2.86 -4.91
CA VAL A 148 -1.16 -3.33 -6.29
C VAL A 148 -0.24 -2.39 -7.10
N PHE A 149 0.78 -2.93 -7.77
CA PHE A 149 1.72 -2.12 -8.55
C PHE A 149 1.85 -2.63 -9.99
N ARG A 150 1.74 -1.72 -10.95
CA ARG A 150 1.92 -2.00 -12.38
C ARG A 150 2.91 -1.02 -12.97
N GLN A 151 3.28 -1.21 -14.24
CA GLN A 151 4.25 -0.35 -14.94
CA GLN A 151 4.26 -0.32 -14.90
C GLN A 151 3.84 1.11 -14.73
N GLY A 152 2.55 1.39 -14.92
CA GLY A 152 2.03 2.74 -14.73
C GLY A 152 2.55 3.37 -13.44
N ASN A 153 2.53 2.62 -12.34
CA ASN A 153 2.84 3.21 -11.03
C ASN A 153 4.10 2.61 -10.42
N VAL A 154 5.06 2.29 -11.28
CA VAL A 154 6.33 1.74 -10.83
C VAL A 154 7.06 2.64 -9.82
N MET A 155 6.97 3.95 -9.98
CA MET A 155 7.62 4.87 -9.05
C MET A 155 7.01 4.83 -7.66
N ASP A 156 5.70 4.53 -7.56
CA ASP A 156 5.07 4.30 -6.25
C ASP A 156 5.81 3.15 -5.56
N LEU A 157 6.10 2.10 -6.30
CA LEU A 157 6.83 0.97 -5.73
C LEU A 157 8.27 1.36 -5.33
N ILE A 158 8.97 2.07 -6.19
CA ILE A 158 10.32 2.52 -5.85
C ILE A 158 10.29 3.36 -4.54
N HIS A 159 9.37 4.33 -4.45
CA HIS A 159 9.28 5.19 -3.26
C HIS A 159 8.87 4.38 -2.03
N LEU A 160 7.99 3.40 -2.19
CA LEU A 160 7.68 2.49 -1.10
C LEU A 160 8.92 1.76 -0.56
N ILE A 161 9.72 1.19 -1.45
CA ILE A 161 10.89 0.42 -1.06
C ILE A 161 11.88 1.28 -0.29
N MET A 162 12.06 2.51 -0.75
CA MET A 162 12.92 3.44 -0.04
C MET A 162 12.40 3.81 1.34
N ARG A 163 11.08 3.95 1.50
CA ARG A 163 10.53 4.22 2.85
C ARG A 163 10.81 3.00 3.74
N LEU A 164 10.69 1.79 3.18
CA LEU A 164 11.01 0.57 3.91
C LEU A 164 12.51 0.55 4.28
N ASP A 165 13.38 0.93 3.34
CA ASP A 165 14.81 1.05 3.63
C ASP A 165 15.08 2.02 4.79
N ALA A 166 14.47 3.21 4.76
CA ALA A 166 14.65 4.21 5.83
C ALA A 166 14.12 3.70 7.17
N SER A 167 12.94 3.08 7.14
CA SER A 167 12.49 2.21 8.22
C SER A 167 13.50 1.06 8.07
N HIS A 168 13.49 0.06 8.93
CA HIS A 168 14.60 -0.90 8.95
C HIS A 168 15.97 -0.30 9.32
N LYS A 169 16.46 0.73 8.61
CA LYS A 169 17.67 1.43 9.06
C LYS A 169 17.46 1.99 10.46
N GLU A 170 16.26 2.49 10.72
CA GLU A 170 15.91 2.99 12.07
C GLU A 170 15.72 1.88 13.09
N SER A 171 15.10 0.78 12.69
CA SER A 171 15.04 -0.42 13.54
C SER A 171 16.42 -0.97 13.86
N SER A 172 17.34 -0.92 12.89
CA SER A 172 18.69 -1.43 13.09
C SER A 172 19.42 -0.70 14.20
N LEU A 173 19.36 0.64 14.20
CA LEU A 173 19.98 1.46 15.24
C LEU A 173 19.45 1.14 16.63
N LYS A 174 18.14 1.02 16.76
CA LYS A 174 17.51 0.59 18.02
C LYS A 174 18.01 -0.81 18.45
N SER A 175 17.96 -1.75 17.51
CA SER A 175 18.45 -3.12 17.74
C SER A 175 19.95 -3.20 18.04
N ALA A 176 20.72 -2.21 17.60
CA ALA A 176 22.17 -2.22 17.84
C ALA A 176 22.50 -1.81 19.25
N LYS A 177 21.55 -1.22 19.96
CA LYS A 177 21.77 -0.76 21.34
C LYS A 177 21.92 -1.92 22.30
N ILE A 178 22.27 -1.61 23.55
CA ILE A 178 22.29 -2.63 24.59
C ILE A 178 20.85 -2.95 24.98
N LEU A 179 20.47 -4.21 24.86
CA LEU A 179 19.10 -4.64 25.09
C LEU A 179 18.89 -5.42 26.39
N ASP A 180 18.07 -4.90 27.29
CA ASP A 180 17.69 -5.63 28.50
C ASP A 180 16.75 -6.83 28.20
N THR A 181 16.29 -7.53 29.22
CA THR A 181 15.54 -8.78 29.05
C THR A 181 14.26 -8.58 28.24
N LYS A 182 13.43 -7.61 28.65
CA LYS A 182 12.19 -7.35 27.94
C LYS A 182 12.41 -6.91 26.51
N ASN A 183 13.36 -6.00 26.31
CA ASN A 183 13.65 -5.51 24.95
C ASN A 183 14.21 -6.60 24.04
N LEU A 184 14.97 -7.53 24.60
CA LEU A 184 15.47 -8.64 23.78
C LEU A 184 14.31 -9.55 23.40
N GLN A 185 13.46 -9.85 24.37
CA GLN A 185 12.27 -10.65 24.12
C GLN A 185 11.41 -10.00 23.03
N ARG A 186 11.19 -8.68 23.10
CA ARG A 186 10.41 -7.98 22.09
C ARG A 186 11.11 -8.07 20.75
N GLU A 187 12.42 -7.88 20.76
CA GLU A 187 13.18 -7.93 19.52
C GLU A 187 12.98 -9.24 18.74
N LEU A 188 12.88 -10.35 19.46
CA LEU A 188 12.79 -11.69 18.86
C LEU A 188 11.33 -12.19 18.65
N GLY A 189 10.36 -11.30 18.84
CA GLY A 189 8.95 -11.66 18.68
C GLY A 189 8.42 -12.43 19.87
N GLY A 190 8.96 -12.15 21.04
CA GLY A 190 8.60 -12.89 22.25
C GLY A 190 7.55 -12.20 23.09
N TYR A 191 6.77 -12.98 23.83
CA TYR A 191 5.74 -12.43 24.72
C TYR A 191 6.39 -11.88 25.97
N VAL A 192 6.29 -10.57 26.15
CA VAL A 192 6.66 -9.94 27.40
C VAL A 192 5.44 -9.93 28.31
N GLY A 193 5.55 -10.58 29.45
CA GLY A 193 4.45 -10.65 30.41
C GLY A 193 4.58 -11.87 31.31
N GLY A 194 3.84 -11.85 32.42
CA GLY A 194 3.86 -12.96 33.37
C GLY A 194 3.07 -14.14 32.87
N LYS A 195 1.73 -14.05 32.99
CA LYS A 195 0.84 -15.15 32.64
C LYS A 195 0.17 -14.91 31.30
N ALA A 196 -0.03 -15.99 30.55
CA ALA A 196 -0.72 -15.94 29.27
C ALA A 196 -2.14 -15.44 29.50
N PRO A 197 -2.66 -14.60 28.59
CA PRO A 197 -4.01 -14.10 28.80
C PRO A 197 -5.06 -15.16 28.46
N TYR A 198 -6.29 -14.95 28.93
CA TYR A 198 -7.34 -15.93 28.71
C TYR A 198 -7.50 -16.25 27.23
N GLY A 199 -7.63 -17.54 26.92
CA GLY A 199 -7.69 -18.03 25.55
C GLY A 199 -6.37 -18.61 25.07
N PHE A 200 -5.28 -18.26 25.73
CA PHE A 200 -3.94 -18.60 25.26
C PHE A 200 -3.11 -19.33 26.31
N GLU A 201 -2.01 -19.91 25.83
CA GLU A 201 -0.97 -20.45 26.69
C GLU A 201 0.38 -19.96 26.16
N LEU A 202 1.42 -20.11 26.96
CA LEU A 202 2.78 -19.73 26.56
C LEU A 202 3.57 -20.97 26.16
N VAL A 203 4.19 -20.95 24.99
CA VAL A 203 5.05 -22.05 24.53
C VAL A 203 6.45 -21.52 24.29
N SER A 204 7.44 -22.19 24.86
CA SER A 204 8.83 -21.76 24.75
C SER A 204 9.42 -22.15 23.40
N GLU A 205 10.40 -21.36 22.95
CA GLU A 205 11.08 -21.57 21.68
C GLU A 205 12.49 -21.00 21.81
N THR A 206 13.47 -21.65 21.20
CA THR A 206 14.86 -21.18 21.26
C THR A 206 15.27 -20.49 19.96
N LYS A 207 15.67 -19.22 20.07
CA LYS A 207 16.22 -18.49 18.93
C LYS A 207 17.74 -18.49 18.96
N GLU A 208 18.34 -18.73 17.81
CA GLU A 208 19.78 -18.60 17.64
C GLU A 208 20.09 -17.21 17.11
N ILE A 209 20.71 -16.39 17.96
CA ILE A 209 21.02 -15.00 17.61
C ILE A 209 22.54 -14.82 17.55
N THR A 210 22.99 -13.85 16.76
CA THR A 210 24.37 -13.40 16.81
C THR A 210 24.37 -11.93 17.23
N ARG A 211 24.92 -11.67 18.40
CA ARG A 211 24.88 -10.33 18.97
C ARG A 211 26.32 -9.90 19.22
N ASN A 212 26.75 -8.86 18.50
CA ASN A 212 28.13 -8.36 18.56
C ASN A 212 29.18 -9.43 18.23
N GLY A 213 28.89 -10.24 17.20
CA GLY A 213 29.83 -11.26 16.73
C GLY A 213 29.86 -12.52 17.57
N ARG A 214 28.88 -12.69 18.46
CA ARG A 214 28.82 -13.83 19.37
C ARG A 214 27.52 -14.60 19.13
N MET A 215 27.63 -15.88 18.82
CA MET A 215 26.46 -16.75 18.64
C MET A 215 25.88 -17.04 20.01
N VAL A 216 24.63 -16.64 20.23
CA VAL A 216 23.99 -16.78 21.53
C VAL A 216 22.60 -17.36 21.34
N ASN A 217 22.20 -18.25 22.25
CA ASN A 217 20.86 -18.83 22.27
C ASN A 217 19.95 -18.12 23.28
N VAL A 218 18.76 -17.74 22.82
CA VAL A 218 17.80 -17.05 23.66
C VAL A 218 16.47 -17.79 23.65
N VAL A 219 16.01 -18.16 24.83
CA VAL A 219 14.70 -18.78 24.98
C VAL A 219 13.62 -17.70 25.06
N ILE A 220 12.66 -17.74 24.14
CA ILE A 220 11.49 -16.85 24.19
C ILE A 220 10.20 -17.65 24.39
N ASN A 221 9.16 -16.94 24.82
CA ASN A 221 7.81 -17.48 24.89
C ASN A 221 6.93 -16.88 23.81
N LYS A 222 6.24 -17.74 23.07
CA LYS A 222 5.26 -17.31 22.08
C LYS A 222 3.86 -17.67 22.54
N LEU A 223 2.88 -16.86 22.13
CA LEU A 223 1.49 -17.12 22.46
C LEU A 223 0.96 -18.22 21.55
N ALA A 224 0.28 -19.20 22.14
CA ALA A 224 -0.42 -20.24 21.37
C ALA A 224 -1.84 -20.35 21.89
N HIS A 225 -2.75 -20.86 21.07
CA HIS A 225 -4.10 -21.09 21.56
C HIS A 225 -4.03 -22.13 22.67
N SER A 226 -4.68 -21.83 23.80
CA SER A 226 -4.62 -22.69 24.99
C SER A 226 -5.10 -24.11 24.69
N THR A 227 -4.35 -25.10 25.18
CA THR A 227 -4.74 -26.50 25.07
C THR A 227 -4.91 -27.14 26.46
N THR A 228 -5.03 -26.32 27.50
CA THR A 228 -5.36 -26.81 28.83
C THR A 228 -6.76 -27.41 28.83
N PRO A 229 -6.91 -28.71 29.15
CA PRO A 229 -8.25 -29.29 29.21
C PRO A 229 -9.11 -28.66 30.31
N LEU A 230 -10.29 -28.16 29.95
CA LEU A 230 -11.19 -27.50 30.89
C LEU A 230 -12.21 -28.49 31.44
N THR A 231 -12.83 -28.11 32.56
CA THR A 231 -13.76 -28.99 33.29
C THR A 231 -15.08 -29.17 32.57
N GLY A 232 -15.77 -28.07 32.30
CA GLY A 232 -17.19 -28.13 31.93
C GLY A 232 -17.52 -28.54 30.50
N PRO A 233 -18.46 -27.84 29.84
CA PRO A 233 -18.95 -28.23 28.52
C PRO A 233 -18.12 -27.79 27.32
N PHE A 234 -17.04 -27.02 27.53
CA PHE A 234 -16.16 -26.62 26.44
C PHE A 234 -14.77 -27.20 26.65
N GLU A 235 -14.13 -27.59 25.55
CA GLU A 235 -12.86 -28.32 25.62
C GLU A 235 -11.69 -27.42 26.00
N PHE A 236 -11.50 -26.34 25.26
CA PHE A 236 -10.41 -25.39 25.54
C PHE A 236 -10.92 -23.95 25.64
N GLU A 237 -10.07 -23.07 26.14
CA GLU A 237 -10.45 -21.67 26.37
C GLU A 237 -10.92 -20.95 25.08
N PRO A 238 -10.27 -21.22 23.94
CA PRO A 238 -10.75 -20.65 22.67
C PRO A 238 -12.20 -21.01 22.35
N ASP A 239 -12.63 -22.23 22.68
CA ASP A 239 -14.00 -22.68 22.47
C ASP A 239 -15.00 -21.86 23.29
N VAL A 240 -14.62 -21.47 24.50
CA VAL A 240 -15.46 -20.61 25.34
C VAL A 240 -15.60 -19.23 24.72
N ILE A 241 -14.49 -18.70 24.21
CA ILE A 241 -14.50 -17.39 23.59
C ILE A 241 -15.37 -17.38 22.33
N ARG A 242 -15.19 -18.38 21.46
CA ARG A 242 -15.98 -18.47 20.24
C ARG A 242 -17.46 -18.60 20.58
N TRP A 243 -17.76 -19.34 21.65
CA TRP A 243 -19.13 -19.49 22.13
C TRP A 243 -19.75 -18.15 22.53
N TRP A 244 -18.99 -17.32 23.23
CA TRP A 244 -19.50 -16.00 23.62
C TRP A 244 -19.98 -15.22 22.40
N TRP A 245 -19.21 -15.25 21.32
CA TRP A 245 -19.56 -14.49 20.13
C TRP A 245 -20.75 -15.10 19.43
N ARG A 246 -20.84 -16.43 19.46
CA ARG A 246 -21.96 -17.15 18.88
C ARG A 246 -23.28 -16.76 19.57
N GLU A 247 -23.24 -16.66 20.90
CA GLU A 247 -24.43 -16.30 21.70
C GLU A 247 -24.86 -14.87 21.49
N ILE A 248 -23.90 -13.98 21.30
CA ILE A 248 -24.18 -12.55 21.25
C ILE A 248 -24.68 -12.22 19.86
N LYS A 249 -23.94 -12.69 18.86
CA LYS A 249 -24.23 -12.39 17.45
C LYS A 249 -25.65 -12.84 17.12
N THR A 250 -25.95 -14.10 17.46
CA THR A 250 -27.18 -14.72 16.97
C THR A 250 -28.44 -14.28 17.71
N HIS A 251 -28.27 -13.63 18.87
CA HIS A 251 -29.40 -13.11 19.66
C HIS A 251 -29.69 -11.63 19.43
N LYS A 252 -30.98 -11.29 19.29
CA LYS A 252 -31.45 -9.94 19.04
C LYS A 252 -32.59 -9.61 20.00
N PRO A 266 -29.60 -16.38 26.17
CA PRO A 266 -28.52 -15.45 26.47
C PRO A 266 -28.46 -14.28 25.47
N GLY A 267 -27.26 -13.85 25.08
CA GLY A 267 -27.08 -12.70 24.18
C GLY A 267 -26.90 -11.37 24.91
N SER A 268 -26.84 -11.46 26.23
CA SER A 268 -26.39 -10.37 27.08
C SER A 268 -25.17 -10.89 27.81
N ILE A 269 -24.27 -10.00 28.19
CA ILE A 269 -23.03 -10.41 28.85
C ILE A 269 -23.28 -10.90 30.28
N THR A 270 -24.17 -10.23 31.02
CA THR A 270 -24.56 -10.71 32.35
C THR A 270 -25.21 -12.10 32.24
N GLY A 271 -26.03 -12.27 31.20
CA GLY A 271 -26.63 -13.57 30.88
C GLY A 271 -25.59 -14.65 30.62
N LEU A 272 -24.55 -14.31 29.86
CA LEU A 272 -23.47 -15.27 29.61
C LEU A 272 -22.79 -15.70 30.90
N CYS A 273 -22.59 -14.75 31.82
CA CYS A 273 -21.92 -15.04 33.09
C CYS A 273 -22.76 -15.93 33.99
N LYS A 274 -24.06 -15.67 34.03
CA LYS A 274 -24.96 -16.50 34.84
C LYS A 274 -25.07 -17.92 34.27
N ARG A 275 -25.13 -18.03 32.94
CA ARG A 275 -25.13 -19.32 32.26
C ARG A 275 -23.81 -20.09 32.46
N MET A 276 -22.69 -19.37 32.46
CA MET A 276 -21.36 -19.99 32.67
C MET A 276 -21.24 -20.61 34.07
N ASP A 277 -21.70 -19.89 35.08
CA ASP A 277 -21.67 -20.37 36.46
C ASP A 277 -22.56 -21.61 36.63
N ALA A 278 -23.75 -21.57 36.03
CA ALA A 278 -24.69 -22.70 36.10
C ALA A 278 -24.16 -23.93 35.34
N ASP A 279 -23.65 -23.73 34.12
CA ASP A 279 -23.12 -24.82 33.30
C ASP A 279 -21.71 -25.27 33.70
N ALA A 280 -21.15 -24.66 34.74
CA ALA A 280 -19.82 -25.03 35.25
C ALA A 280 -18.70 -24.76 34.24
N VAL A 281 -18.75 -23.60 33.58
CA VAL A 281 -17.63 -23.17 32.75
C VAL A 281 -16.59 -22.56 33.70
N PRO A 282 -15.41 -23.19 33.80
CA PRO A 282 -14.43 -22.79 34.81
C PRO A 282 -13.82 -21.38 34.60
N THR A 283 -13.63 -20.66 35.69
CA THR A 283 -13.02 -19.32 35.69
C THR A 283 -11.55 -19.32 36.10
N ARG A 284 -10.69 -19.90 35.26
CA ARG A 284 -9.22 -19.75 35.39
C ARG A 284 -8.67 -19.91 36.84
N GLY A 285 -9.14 -20.94 37.54
CA GLY A 285 -8.69 -21.24 38.89
C GLY A 285 -8.20 -22.66 38.97
N TRP A 297 -17.70 -15.68 37.37
CA TRP A 297 -17.48 -14.88 36.15
C TRP A 297 -18.05 -13.48 36.29
N ASP A 298 -17.20 -12.48 36.04
CA ASP A 298 -17.58 -11.07 36.13
C ASP A 298 -17.80 -10.51 34.71
N PRO A 299 -18.94 -9.83 34.47
CA PRO A 299 -19.18 -9.20 33.17
C PRO A 299 -18.02 -8.34 32.67
N ALA A 300 -17.39 -7.58 33.57
CA ALA A 300 -16.27 -6.72 33.21
C ALA A 300 -15.11 -7.52 32.63
N THR A 301 -14.91 -8.72 33.17
CA THR A 301 -13.83 -9.62 32.73
C THR A 301 -14.10 -10.18 31.35
N VAL A 302 -15.34 -10.60 31.11
CA VAL A 302 -15.75 -11.09 29.80
C VAL A 302 -15.56 -10.01 28.73
N MET A 303 -16.02 -8.80 29.02
CA MET A 303 -15.87 -7.69 28.07
C MET A 303 -14.40 -7.32 27.86
N ARG A 304 -13.61 -7.32 28.93
CA ARG A 304 -12.18 -7.06 28.80
C ARG A 304 -11.51 -8.05 27.84
N ILE A 305 -11.91 -9.32 27.91
CA ILE A 305 -11.39 -10.36 27.00
C ILE A 305 -11.89 -10.15 25.57
N LEU A 306 -13.17 -9.84 25.42
CA LEU A 306 -13.74 -9.61 24.09
C LEU A 306 -13.13 -8.39 23.38
N ARG A 307 -12.60 -7.46 24.17
CA ARG A 307 -11.88 -6.31 23.64
C ARG A 307 -10.44 -6.64 23.21
N ASP A 308 -9.92 -7.80 23.59
CA ASP A 308 -8.52 -8.16 23.33
C ASP A 308 -8.28 -8.42 21.85
N PRO A 309 -7.50 -7.57 21.18
CA PRO A 309 -7.23 -7.81 19.76
C PRO A 309 -6.50 -9.14 19.48
N ARG A 310 -5.82 -9.68 20.48
CA ARG A 310 -5.06 -10.92 20.30
C ARG A 310 -5.98 -12.08 19.94
N ILE A 311 -7.24 -12.05 20.39
CA ILE A 311 -8.22 -13.07 20.01
CA ILE A 311 -8.19 -13.10 20.02
C ILE A 311 -8.51 -13.04 18.51
N ALA A 312 -8.28 -11.90 17.87
CA ALA A 312 -8.41 -11.80 16.41
C ALA A 312 -7.11 -12.13 15.69
N GLY A 313 -6.09 -12.55 16.45
CA GLY A 313 -4.78 -12.83 15.88
C GLY A 313 -3.89 -11.61 15.70
N PHE A 314 -4.25 -10.49 16.32
CA PHE A 314 -3.45 -9.26 16.23
C PHE A 314 -2.56 -9.11 17.48
N ALA A 315 -1.28 -8.82 17.28
CA ALA A 315 -0.40 -8.50 18.41
C ALA A 315 -0.89 -7.18 19.03
N ALA A 316 -0.80 -7.07 20.35
CA ALA A 316 -1.26 -5.89 21.07
C ALA A 316 -0.53 -5.66 22.39
N GLU A 317 -0.39 -4.39 22.77
CA GLU A 317 0.12 -3.99 24.08
C GLU A 317 -1.09 -3.87 25.02
N VAL A 318 -0.97 -4.41 26.23
CA VAL A 318 -2.03 -4.23 27.25
C VAL A 318 -1.79 -2.91 27.99
N ILE A 319 -2.83 -2.06 28.01
CA ILE A 319 -2.75 -0.77 28.67
C ILE A 319 -3.40 -0.93 30.05
N TYR A 320 -2.62 -0.64 31.10
CA TYR A 320 -3.11 -0.78 32.46
C TYR A 320 -3.60 0.55 33.02
N LYS A 321 -4.54 0.49 33.96
CA LYS A 321 -4.99 1.68 34.67
C LYS A 321 -3.88 2.17 35.58
N LYS A 322 -3.59 3.46 35.51
CA LYS A 322 -2.54 4.06 36.30
C LYS A 322 -3.12 4.77 37.51
N LYS A 323 -2.38 4.75 38.61
CA LYS A 323 -2.74 5.53 39.79
C LYS A 323 -2.51 7.02 39.51
N PRO A 324 -3.04 7.92 40.38
CA PRO A 324 -2.76 9.34 40.19
C PRO A 324 -1.25 9.60 40.08
N ASP A 325 -0.49 8.86 40.90
CA ASP A 325 0.97 8.81 40.85
C ASP A 325 1.56 8.55 39.46
N GLY A 326 0.89 7.75 38.65
CA GLY A 326 1.41 7.34 37.34
C GLY A 326 1.81 5.87 37.33
N THR A 327 1.99 5.29 38.52
CA THR A 327 2.36 3.88 38.64
C THR A 327 1.21 2.98 38.19
N PRO A 328 1.48 2.05 37.27
CA PRO A 328 0.41 1.20 36.75
C PRO A 328 -0.12 0.22 37.80
N THR A 329 -1.42 -0.05 37.76
CA THR A 329 -2.03 -1.06 38.60
C THR A 329 -2.01 -2.37 37.81
N THR A 330 -2.65 -3.40 38.36
CA THR A 330 -2.81 -4.66 37.66
C THR A 330 -4.13 -4.72 36.87
N LYS A 331 -4.90 -3.62 36.87
CA LYS A 331 -6.19 -3.58 36.19
C LYS A 331 -6.01 -3.16 34.74
N ILE A 332 -6.62 -3.90 33.83
CA ILE A 332 -6.50 -3.62 32.41
C ILE A 332 -7.48 -2.51 32.04
N GLU A 333 -6.96 -1.46 31.41
CA GLU A 333 -7.79 -0.37 30.90
C GLU A 333 -8.20 -0.65 29.45
N GLY A 334 -7.29 -1.23 28.67
CA GLY A 334 -7.57 -1.50 27.26
C GLY A 334 -6.35 -2.02 26.55
N TYR A 335 -6.35 -1.92 25.23
CA TYR A 335 -5.33 -2.53 24.40
C TYR A 335 -4.95 -1.60 23.26
N ARG A 336 -3.68 -1.67 22.85
CA ARG A 336 -3.21 -0.95 21.67
C ARG A 336 -2.70 -1.96 20.65
N ILE A 337 -3.34 -2.03 19.50
CA ILE A 337 -2.94 -2.94 18.46
C ILE A 337 -1.54 -2.56 17.99
N GLN A 338 -0.65 -3.55 17.89
CA GLN A 338 0.70 -3.33 17.36
C GLN A 338 0.60 -3.26 15.82
N ARG A 339 1.20 -2.23 15.22
CA ARG A 339 1.03 -1.95 13.80
C ARG A 339 2.36 -1.73 13.04
N ASP A 340 2.37 -2.11 11.76
CA ASP A 340 3.51 -1.84 10.91
C ASP A 340 3.71 -0.33 10.85
N PRO A 341 4.96 0.13 10.96
CA PRO A 341 5.19 1.59 11.00
C PRO A 341 4.90 2.35 9.69
N ILE A 342 4.89 1.66 8.54
CA ILE A 342 4.66 2.33 7.26
C ILE A 342 3.20 2.22 6.80
N THR A 343 2.65 1.01 6.82
CA THR A 343 1.28 0.79 6.35
C THR A 343 0.22 0.92 7.43
N LEU A 344 0.64 0.85 8.69
CA LEU A 344 -0.27 0.79 9.87
C LEU A 344 -1.08 -0.51 10.00
N ARG A 345 -0.75 -1.51 9.21
CA ARG A 345 -1.45 -2.80 9.24
C ARG A 345 -1.13 -3.52 10.55
N PRO A 346 -2.12 -4.19 11.18
CA PRO A 346 -1.82 -4.89 12.43
C PRO A 346 -0.80 -5.99 12.26
N VAL A 347 0.14 -6.09 13.20
CA VAL A 347 1.07 -7.20 13.22
C VAL A 347 0.30 -8.46 13.63
N GLU A 348 0.49 -9.56 12.91
CA GLU A 348 -0.24 -10.81 13.16
C GLU A 348 0.54 -11.77 14.05
N LEU A 349 -0.14 -12.34 15.05
CA LEU A 349 0.47 -13.39 15.89
C LEU A 349 0.67 -14.65 15.05
N ASP A 350 1.79 -15.34 15.25
CA ASP A 350 2.07 -16.60 14.53
C ASP A 350 0.97 -17.67 14.73
N CYS A 351 0.35 -17.70 15.91
CA CYS A 351 -0.71 -18.69 16.22
C CYS A 351 -2.03 -18.45 15.49
N GLY A 352 -2.20 -17.28 14.90
CA GLY A 352 -3.43 -16.99 14.18
C GLY A 352 -4.62 -16.65 15.07
N PRO A 353 -5.78 -16.38 14.46
CA PRO A 353 -6.96 -15.90 15.19
C PRO A 353 -7.74 -16.97 15.93
N ILE A 354 -8.34 -16.59 17.06
CA ILE A 354 -9.37 -17.40 17.71
C ILE A 354 -10.72 -17.08 17.07
N ILE A 355 -10.99 -15.79 16.90
CA ILE A 355 -12.15 -15.30 16.15
C ILE A 355 -11.61 -14.58 14.93
N GLU A 356 -12.11 -14.90 13.74
CA GLU A 356 -11.62 -14.24 12.52
C GLU A 356 -11.75 -12.70 12.61
N PRO A 357 -10.77 -11.96 12.08
CA PRO A 357 -10.77 -10.50 12.15
C PRO A 357 -12.11 -9.84 11.78
N ALA A 358 -12.72 -10.28 10.67
CA ALA A 358 -14.03 -9.75 10.25
C ALA A 358 -15.05 -9.86 11.38
N GLU A 359 -15.14 -11.05 11.99
CA GLU A 359 -16.05 -11.25 13.12
C GLU A 359 -15.64 -10.39 14.33
N TRP A 360 -14.34 -10.26 14.56
CA TRP A 360 -13.87 -9.50 15.71
C TRP A 360 -14.27 -8.03 15.57
N TYR A 361 -14.16 -7.47 14.37
CA TYR A 361 -14.53 -6.06 14.17
C TYR A 361 -16.02 -5.88 14.35
N GLU A 362 -16.81 -6.86 13.90
CA GLU A 362 -18.23 -6.83 14.14
C GLU A 362 -18.54 -6.87 15.64
N LEU A 363 -17.80 -7.72 16.37
CA LEU A 363 -17.93 -7.80 17.81
C LEU A 363 -17.61 -6.44 18.48
N GLN A 364 -16.56 -5.77 18.04
CA GLN A 364 -16.20 -4.49 18.64
C GLN A 364 -17.30 -3.48 18.40
N ALA A 365 -17.85 -3.49 17.19
CA ALA A 365 -18.98 -2.62 16.86
C ALA A 365 -20.19 -2.94 17.73
N TRP A 366 -20.40 -4.22 18.06
CA TRP A 366 -21.49 -4.59 18.94
C TRP A 366 -21.28 -4.03 20.34
N LEU A 367 -20.06 -4.19 20.87
CA LEU A 367 -19.74 -3.67 22.19
C LEU A 367 -19.88 -2.15 22.23
N ASP A 368 -19.44 -1.47 21.18
CA ASP A 368 -19.59 0.00 21.09
C ASP A 368 -21.06 0.43 21.07
N GLY A 369 -21.88 -0.30 20.32
CA GLY A 369 -23.32 -0.08 20.28
C GLY A 369 -24.00 -0.28 21.63
N ARG A 370 -23.51 -1.26 22.39
CA ARG A 370 -23.97 -1.48 23.77
C ARG A 370 -23.51 -0.33 24.67
N GLY A 371 -22.24 0.07 24.52
CA GLY A 371 -21.67 1.18 25.30
C GLY A 371 -22.33 2.53 25.05
N ARG A 372 -22.76 2.77 23.81
CA ARG A 372 -23.44 4.02 23.44
C ARG A 372 -24.94 3.95 23.72
N GLY A 373 -25.46 2.75 23.98
CA GLY A 373 -26.89 2.53 24.20
C GLY A 373 -27.71 2.53 22.92
N LYS A 374 -27.04 2.30 21.78
CA LYS A 374 -27.68 2.34 20.47
C LYS A 374 -26.76 1.69 19.44
N GLY A 375 -27.32 0.75 18.68
CA GLY A 375 -26.57 0.02 17.67
C GLY A 375 -26.13 0.93 16.53
N LEU A 376 -24.97 0.62 15.97
CA LEU A 376 -24.43 1.41 14.87
C LEU A 376 -24.96 0.89 13.51
N SER A 377 -25.30 1.78 12.58
CA SER A 377 -25.47 1.39 11.17
C SER A 377 -24.13 0.86 10.61
N ARG A 378 -24.19 0.24 9.45
CA ARG A 378 -22.99 -0.29 8.83
C ARG A 378 -21.95 0.83 8.58
N GLY A 379 -22.40 1.95 8.02
CA GLY A 379 -21.57 3.13 7.84
C GLY A 379 -20.96 3.68 9.12
N GLN A 380 -21.77 3.76 10.16
CA GLN A 380 -21.31 4.28 11.46
C GLN A 380 -20.32 3.33 12.09
N ALA A 381 -20.50 2.03 11.85
CA ALA A 381 -19.59 1.04 12.37
C ALA A 381 -18.21 1.21 11.70
N ILE A 382 -18.20 1.42 10.38
CA ILE A 382 -16.94 1.63 9.65
C ILE A 382 -16.27 2.92 10.15
N LEU A 383 -17.07 3.96 10.31
CA LEU A 383 -16.60 5.28 10.74
C LEU A 383 -16.08 5.25 12.18
N SER A 384 -16.74 4.51 13.04
CA SER A 384 -16.31 4.35 14.43
C SER A 384 -15.00 3.57 14.53
N ALA A 385 -14.85 2.49 13.75
CA ALA A 385 -13.57 1.75 13.72
C ALA A 385 -12.42 2.65 13.27
N MET A 386 -12.68 3.48 12.27
CA MET A 386 -11.69 4.45 11.81
C MET A 386 -11.35 5.44 12.93
N ASP A 387 -12.37 5.92 13.62
CA ASP A 387 -12.17 6.85 14.72
C ASP A 387 -11.28 6.29 15.83
N LYS A 388 -11.51 5.05 16.22
CA LYS A 388 -10.62 4.39 17.19
C LYS A 388 -9.15 4.37 16.71
N LEU A 389 -8.93 4.07 15.44
CA LEU A 389 -7.58 4.07 14.89
C LEU A 389 -6.97 5.46 14.95
N TYR A 390 -7.72 6.49 14.59
CA TYR A 390 -7.16 7.84 14.62
C TYR A 390 -6.78 8.26 16.06
N CYS A 391 -7.51 7.79 17.07
CA CYS A 391 -7.15 8.05 18.48
C CYS A 391 -5.90 7.26 18.91
N GLU A 392 -5.81 5.97 18.56
CA GLU A 392 -4.58 5.17 18.78
C GLU A 392 -3.37 5.91 18.20
N CYS A 393 -3.50 6.43 16.98
CA CYS A 393 -2.41 7.18 16.34
C CYS A 393 -2.06 8.48 17.04
N GLY A 394 -3.07 9.26 17.40
CA GLY A 394 -2.86 10.56 18.04
C GLY A 394 -2.30 10.48 19.46
N ALA A 395 -2.57 9.36 20.13
CA ALA A 395 -2.14 9.12 21.53
C ALA A 395 -0.69 8.61 21.63
N VAL A 396 0.26 9.39 21.64
N MET B 26 32.60 -12.83 -28.13
CA MET B 26 32.22 -11.71 -27.24
C MET B 26 32.00 -10.47 -28.10
N ASP B 27 30.74 -10.07 -28.32
CA ASP B 27 30.42 -9.03 -29.31
C ASP B 27 29.62 -7.87 -28.70
N THR B 28 30.14 -6.65 -28.82
CA THR B 28 29.45 -5.46 -28.31
C THR B 28 28.91 -4.57 -29.43
N TYR B 29 27.63 -4.23 -29.35
CA TYR B 29 26.97 -3.30 -30.27
C TYR B 29 26.47 -2.09 -29.48
N ALA B 30 27.08 -0.94 -29.74
CA ALA B 30 26.92 0.23 -28.90
C ALA B 30 26.30 1.39 -29.65
N GLY B 31 25.29 2.00 -29.04
CA GLY B 31 24.73 3.26 -29.48
C GLY B 31 24.94 4.32 -28.42
N ALA B 32 24.94 5.58 -28.83
CA ALA B 32 25.05 6.69 -27.89
C ALA B 32 23.75 7.48 -27.90
N TYR B 33 23.38 8.04 -26.75
CA TYR B 33 22.18 8.84 -26.63
C TYR B 33 22.46 10.20 -26.04
N ASP B 34 21.96 11.25 -26.67
CA ASP B 34 22.14 12.62 -26.22
C ASP B 34 20.85 13.43 -26.34
N ARG B 35 20.72 14.41 -25.45
CA ARG B 35 19.58 15.31 -25.44
C ARG B 35 19.92 16.52 -24.59
N GLN B 36 19.26 17.64 -24.87
CA GLN B 36 19.45 18.84 -24.06
C GLN B 36 18.87 18.60 -22.66
N SER B 37 19.46 19.27 -21.68
CA SER B 37 18.89 19.30 -20.35
C SER B 37 17.59 20.09 -20.40
N ARG B 38 16.64 19.69 -19.57
CA ARG B 38 15.28 20.21 -19.64
C ARG B 38 15.11 21.56 -18.95
N GLU B 39 16.09 21.97 -18.15
CA GLU B 39 15.86 22.95 -17.08
C GLU B 39 15.96 22.20 -15.76
N ARG B 40 15.79 20.88 -15.78
CA ARG B 40 16.05 20.06 -14.61
C ARG B 40 17.52 20.18 -14.23
N GLU B 41 17.90 19.58 -13.11
CA GLU B 41 19.24 19.81 -12.55
C GLU B 41 20.22 18.71 -12.94
N ASN B 42 20.90 18.92 -14.06
CA ASN B 42 22.16 18.21 -14.35
C ASN B 42 22.98 19.04 -15.33
N SER B 43 24.17 18.55 -15.70
CA SER B 43 25.08 19.31 -16.56
C SER B 43 24.27 19.89 -17.70
N SER B 44 24.08 21.20 -17.62
CA SER B 44 23.35 21.95 -18.62
C SER B 44 24.38 22.42 -19.64
N ALA B 45 25.49 22.96 -19.15
CA ALA B 45 26.61 23.35 -20.01
C ALA B 45 26.89 22.26 -21.05
N ALA B 46 26.63 21.00 -20.68
CA ALA B 46 26.82 19.91 -21.60
C ALA B 46 25.77 20.02 -22.72
N SER B 47 26.12 20.75 -23.77
CA SER B 47 25.33 20.80 -24.99
C SER B 47 25.31 19.43 -25.65
N PRO B 48 24.32 19.17 -26.51
CA PRO B 48 24.32 17.93 -27.30
C PRO B 48 25.65 17.69 -28.03
N ALA B 49 26.22 18.75 -28.59
CA ALA B 49 27.51 18.67 -29.30
C ALA B 49 28.64 18.20 -28.38
N THR B 50 28.68 18.76 -27.18
CA THR B 50 29.63 18.34 -26.16
C THR B 50 29.37 16.87 -25.77
N GLN B 51 28.11 16.51 -25.62
CA GLN B 51 27.76 15.14 -25.24
C GLN B 51 28.21 14.16 -26.32
N ARG B 52 27.92 14.49 -27.58
CA ARG B 52 28.23 13.58 -28.67
C ARG B 52 29.74 13.38 -28.78
N SER B 53 30.50 14.45 -28.61
CA SER B 53 31.95 14.37 -28.71
C SER B 53 32.55 13.48 -27.62
N ALA B 54 32.11 13.67 -26.36
CA ALA B 54 32.51 12.78 -25.26
C ALA B 54 32.05 11.34 -25.53
N ASN B 55 30.82 11.18 -25.98
CA ASN B 55 30.28 9.86 -26.24
C ASN B 55 31.07 9.08 -27.31
N GLU B 56 31.42 9.73 -28.42
CA GLU B 56 32.17 9.06 -29.49
C GLU B 56 33.64 8.82 -29.12
N ASP B 57 34.23 9.72 -28.34
CA ASP B 57 35.58 9.49 -27.81
C ASP B 57 35.59 8.28 -26.88
N LYS B 58 34.59 8.19 -26.01
CA LYS B 58 34.46 7.03 -25.14
C LYS B 58 34.30 5.75 -25.96
N ALA B 59 33.51 5.80 -27.02
CA ALA B 59 33.27 4.63 -27.86
C ALA B 59 34.58 4.15 -28.49
N ALA B 60 35.38 5.08 -29.00
CA ALA B 60 36.70 4.77 -29.56
C ALA B 60 37.64 4.12 -28.54
N ASP B 61 37.61 4.61 -27.30
CA ASP B 61 38.42 4.02 -26.23
C ASP B 61 37.96 2.59 -25.94
N LEU B 62 36.65 2.42 -25.78
CA LEU B 62 36.09 1.10 -25.48
C LEU B 62 36.46 0.13 -26.59
N GLN B 63 36.36 0.58 -27.84
CA GLN B 63 36.66 -0.29 -28.98
C GLN B 63 38.08 -0.81 -28.91
N ARG B 64 39.04 0.10 -28.68
CA ARG B 64 40.45 -0.31 -28.55
C ARG B 64 40.63 -1.38 -27.48
N GLU B 65 40.02 -1.16 -26.31
CA GLU B 65 40.19 -2.08 -25.19
C GLU B 65 39.63 -3.46 -25.53
N VAL B 66 38.40 -3.49 -26.06
CA VAL B 66 37.73 -4.77 -26.37
C VAL B 66 38.54 -5.55 -27.41
N GLU B 67 39.06 -4.85 -28.41
CA GLU B 67 39.86 -5.47 -29.45
C GLU B 67 41.22 -5.99 -28.95
N ARG B 68 41.90 -5.19 -28.12
CA ARG B 68 43.09 -5.67 -27.39
C ARG B 68 42.81 -7.00 -26.72
N ASP B 69 41.64 -7.06 -26.09
CA ASP B 69 41.21 -8.22 -25.31
C ASP B 69 40.58 -9.31 -26.20
N GLY B 70 40.78 -9.23 -27.52
CA GLY B 70 40.28 -10.26 -28.45
C GLY B 70 38.85 -10.09 -28.97
N GLY B 71 38.00 -9.39 -28.22
CA GLY B 71 36.58 -9.24 -28.57
C GLY B 71 36.29 -8.36 -29.78
N ARG B 72 35.00 -8.14 -30.05
CA ARG B 72 34.57 -7.25 -31.12
C ARG B 72 33.61 -6.20 -30.60
N PHE B 73 33.72 -5.01 -31.18
CA PHE B 73 32.98 -3.84 -30.73
C PHE B 73 32.58 -3.03 -31.93
N ARG B 74 31.29 -2.69 -32.01
CA ARG B 74 30.78 -1.85 -33.06
C ARG B 74 30.00 -0.67 -32.44
N PHE B 75 30.39 0.55 -32.81
CA PHE B 75 29.67 1.77 -32.50
C PHE B 75 28.76 2.12 -33.67
N VAL B 76 27.45 2.13 -33.46
CA VAL B 76 26.49 2.32 -34.56
CA VAL B 76 26.52 2.33 -34.59
C VAL B 76 26.09 3.79 -34.77
N GLY B 77 26.51 4.66 -33.85
CA GLY B 77 26.26 6.10 -33.95
C GLY B 77 25.41 6.73 -32.85
N HIS B 78 24.99 7.97 -33.10
CA HIS B 78 24.29 8.78 -32.11
C HIS B 78 22.79 8.81 -32.29
N PHE B 79 22.07 8.53 -31.20
CA PHE B 79 20.64 8.74 -31.14
C PHE B 79 20.40 10.08 -30.41
N SER B 80 20.08 11.11 -31.17
CA SER B 80 20.08 12.49 -30.69
C SER B 80 18.68 13.08 -30.69
N GLU B 81 18.14 13.40 -29.52
CA GLU B 81 16.79 13.98 -29.47
C GLU B 81 16.81 15.42 -29.90
N ALA B 82 15.81 15.79 -30.68
CA ALA B 82 15.65 17.17 -31.12
C ALA B 82 15.36 18.07 -29.91
N PRO B 83 16.08 19.21 -29.80
CA PRO B 83 15.72 20.19 -28.78
C PRO B 83 14.24 20.61 -28.91
N GLY B 84 13.41 20.15 -27.96
CA GLY B 84 11.96 20.37 -27.97
C GLY B 84 11.57 21.85 -27.82
N GLU B 92 7.07 12.22 -27.49
CA GLU B 92 7.91 13.15 -26.73
C GLU B 92 9.40 12.87 -26.92
N ARG B 93 9.80 11.60 -26.83
CA ARG B 93 11.21 11.23 -26.88
C ARG B 93 11.45 10.09 -27.87
N PRO B 94 11.21 10.36 -29.16
CA PRO B 94 11.26 9.28 -30.15
C PRO B 94 12.65 8.63 -30.34
N GLU B 95 13.73 9.38 -30.20
CA GLU B 95 15.06 8.79 -30.37
C GLU B 95 15.44 7.93 -29.17
N PHE B 96 15.05 8.37 -27.97
CA PHE B 96 15.20 7.58 -26.77
C PHE B 96 14.46 6.25 -26.93
N GLU B 97 13.20 6.30 -27.36
CA GLU B 97 12.41 5.08 -27.55
C GLU B 97 13.06 4.17 -28.58
N ARG B 98 13.61 4.76 -29.64
CA ARG B 98 14.32 3.97 -30.64
C ARG B 98 15.50 3.20 -30.06
N ILE B 99 16.37 3.89 -29.34
CA ILE B 99 17.56 3.22 -28.82
C ILE B 99 17.15 2.16 -27.78
N LEU B 100 16.13 2.43 -26.96
CA LEU B 100 15.63 1.43 -26.00
C LEU B 100 15.08 0.19 -26.74
N ASN B 101 14.30 0.41 -27.76
CA ASN B 101 13.75 -0.70 -28.53
C ASN B 101 14.80 -1.56 -29.23
N GLU B 102 15.86 -0.94 -29.74
CA GLU B 102 16.96 -1.72 -30.28
C GLU B 102 17.59 -2.60 -29.19
N CYS B 103 17.69 -2.10 -27.96
CA CYS B 103 18.18 -2.92 -26.85
C CYS B 103 17.23 -4.06 -26.52
N ARG B 104 15.94 -3.79 -26.50
CA ARG B 104 14.94 -4.79 -26.17
C ARG B 104 14.88 -5.87 -27.22
N ALA B 105 15.15 -5.53 -28.48
CA ALA B 105 15.19 -6.52 -29.54
C ALA B 105 16.53 -7.25 -29.59
N GLY B 106 17.52 -6.81 -28.81
CA GLY B 106 18.84 -7.46 -28.82
C GLY B 106 19.82 -7.01 -29.92
N ARG B 107 19.48 -5.93 -30.62
CA ARG B 107 20.36 -5.44 -31.71
C ARG B 107 21.48 -4.53 -31.22
N LEU B 108 21.26 -3.91 -30.06
CA LEU B 108 22.30 -3.19 -29.33
C LEU B 108 22.39 -3.81 -27.95
N ASN B 109 23.57 -3.82 -27.36
CA ASN B 109 23.73 -4.27 -25.97
C ASN B 109 24.57 -3.32 -25.16
N MET B 110 24.75 -2.08 -25.65
CA MET B 110 25.45 -1.04 -24.90
C MET B 110 24.89 0.32 -25.28
N ILE B 111 24.64 1.15 -24.28
CA ILE B 111 24.25 2.52 -24.51
C ILE B 111 25.29 3.38 -23.82
N ILE B 112 25.83 4.33 -24.58
CA ILE B 112 26.76 5.32 -24.05
C ILE B 112 25.99 6.63 -23.87
N VAL B 113 26.10 7.23 -22.69
CA VAL B 113 25.50 8.52 -22.42
C VAL B 113 26.52 9.41 -21.76
N TYR B 114 26.35 10.71 -21.89
CA TYR B 114 27.24 11.66 -21.23
C TYR B 114 27.15 11.50 -19.72
N ASP B 115 25.92 11.40 -19.21
CA ASP B 115 25.70 11.12 -17.80
C ASP B 115 24.39 10.35 -17.63
N VAL B 116 24.23 9.68 -16.49
CA VAL B 116 23.09 8.78 -16.32
C VAL B 116 21.77 9.54 -16.31
N SER B 117 21.84 10.81 -15.94
CA SER B 117 20.67 11.68 -15.89
C SER B 117 19.92 11.79 -17.23
N ARG B 118 20.62 11.52 -18.34
CA ARG B 118 19.99 11.52 -19.66
C ARG B 118 18.82 10.54 -19.76
N PHE B 119 18.85 9.46 -18.96
CA PHE B 119 17.78 8.45 -19.00
C PHE B 119 16.48 8.92 -18.36
N SER B 120 16.54 9.99 -17.57
CA SER B 120 15.37 10.44 -16.85
C SER B 120 14.41 11.22 -17.74
N ARG B 121 13.14 11.21 -17.33
CA ARG B 121 12.07 11.91 -18.04
C ARG B 121 11.75 13.26 -17.40
N LEU B 122 11.52 13.28 -16.09
CA LEU B 122 11.18 14.50 -15.34
C LEU B 122 12.12 14.74 -14.15
N LYS B 123 12.25 13.72 -13.31
CA LYS B 123 13.17 13.78 -12.16
C LYS B 123 14.19 12.68 -12.34
N VAL B 124 15.40 12.90 -11.82
CA VAL B 124 16.48 11.98 -12.06
C VAL B 124 16.14 10.57 -11.52
N MET B 125 15.42 10.53 -10.40
CA MET B 125 14.94 9.29 -9.80
C MET B 125 14.18 8.38 -10.77
N ASP B 126 13.45 8.98 -11.72
CA ASP B 126 12.63 8.19 -12.62
C ASP B 126 13.48 7.48 -13.67
N ALA B 127 14.79 7.68 -13.68
CA ALA B 127 15.69 6.87 -14.50
C ALA B 127 15.85 5.43 -13.96
N ILE B 128 15.56 5.23 -12.69
CA ILE B 128 15.77 3.92 -12.03
C ILE B 128 15.10 2.71 -12.73
N PRO B 129 13.80 2.80 -13.03
CA PRO B 129 13.15 1.68 -13.70
C PRO B 129 13.76 1.32 -15.07
N ILE B 130 14.06 2.34 -15.89
CA ILE B 130 14.53 2.07 -17.25
C ILE B 130 15.96 1.50 -17.25
N VAL B 131 16.83 2.03 -16.39
CA VAL B 131 18.18 1.46 -16.33
C VAL B 131 18.12 0.07 -15.77
N SER B 132 17.20 -0.20 -14.83
CA SER B 132 17.04 -1.55 -14.29
C SER B 132 16.59 -2.53 -15.40
N GLU B 133 15.63 -2.13 -16.20
CA GLU B 133 15.15 -2.94 -17.31
C GLU B 133 16.29 -3.21 -18.30
N LEU B 134 17.02 -2.17 -18.68
CA LEU B 134 18.12 -2.34 -19.63
C LEU B 134 19.17 -3.30 -19.10
N LEU B 135 19.57 -3.16 -17.83
CA LEU B 135 20.61 -4.02 -17.28
C LEU B 135 20.14 -5.47 -17.16
N ALA B 136 18.86 -5.66 -16.89
CA ALA B 136 18.31 -7.02 -16.78
C ALA B 136 18.28 -7.72 -18.15
N LEU B 137 18.25 -6.93 -19.23
CA LEU B 137 18.37 -7.44 -20.59
C LEU B 137 19.82 -7.74 -20.98
N GLY B 138 20.78 -7.45 -20.12
CA GLY B 138 22.18 -7.67 -20.43
C GLY B 138 22.87 -6.46 -21.06
N VAL B 139 22.22 -5.31 -21.06
CA VAL B 139 22.85 -4.08 -21.57
C VAL B 139 23.88 -3.53 -20.61
N THR B 140 24.98 -3.02 -21.18
CA THR B 140 25.95 -2.22 -20.41
C THR B 140 25.67 -0.76 -20.65
N ILE B 141 25.54 0.02 -19.57
CA ILE B 141 25.42 1.47 -19.65
C ILE B 141 26.76 2.09 -19.32
N VAL B 142 27.28 2.90 -20.23
CA VAL B 142 28.53 3.62 -20.00
C VAL B 142 28.23 5.10 -19.86
N SER B 143 28.47 5.65 -18.67
CA SER B 143 28.36 7.09 -18.47
C SER B 143 29.75 7.69 -18.59
N THR B 144 29.91 8.62 -19.52
CA THR B 144 31.19 9.27 -19.72
C THR B 144 31.65 9.94 -18.42
N GLN B 145 30.71 10.47 -17.64
CA GLN B 145 31.06 11.19 -16.42
C GLN B 145 31.10 10.35 -15.14
N GLU B 146 30.38 9.23 -15.12
CA GLU B 146 30.15 8.50 -13.85
C GLU B 146 30.66 7.06 -13.80
N GLY B 147 30.87 6.42 -14.96
CA GLY B 147 31.46 5.09 -15.00
C GLY B 147 30.61 4.06 -15.73
N VAL B 148 30.93 2.78 -15.52
CA VAL B 148 30.34 1.67 -16.27
C VAL B 148 29.39 0.89 -15.38
N PHE B 149 28.21 0.55 -15.89
CA PHE B 149 27.25 -0.21 -15.12
C PHE B 149 26.63 -1.39 -15.88
N ARG B 150 26.62 -2.55 -15.24
CA ARG B 150 26.02 -3.78 -15.79
C ARG B 150 25.13 -4.39 -14.73
N GLN B 151 24.45 -5.49 -15.07
CA GLN B 151 23.57 -6.17 -14.12
C GLN B 151 24.33 -6.43 -12.81
N GLY B 152 25.55 -6.93 -12.94
CA GLY B 152 26.40 -7.24 -11.78
C GLY B 152 26.71 -6.12 -10.80
N ASN B 153 26.62 -4.87 -11.24
CA ASN B 153 26.73 -3.74 -10.29
C ASN B 153 25.55 -2.75 -10.37
N VAL B 154 24.36 -3.30 -10.65
CA VAL B 154 23.17 -2.47 -10.81
C VAL B 154 22.93 -1.60 -9.59
N MET B 155 23.21 -2.11 -8.40
CA MET B 155 22.94 -1.33 -7.19
C MET B 155 23.86 -0.10 -7.10
N ASP B 156 25.07 -0.17 -7.65
CA ASP B 156 25.93 1.02 -7.74
C ASP B 156 25.20 2.14 -8.49
N LEU B 157 24.55 1.78 -9.60
CA LEU B 157 23.80 2.76 -10.36
C LEU B 157 22.58 3.28 -9.57
N ILE B 158 21.83 2.37 -8.95
CA ILE B 158 20.66 2.77 -8.17
C ILE B 158 21.12 3.77 -7.09
N HIS B 159 22.18 3.43 -6.36
CA HIS B 159 22.65 4.31 -5.26
C HIS B 159 23.13 5.64 -5.79
N LEU B 160 23.81 5.63 -6.95
CA LEU B 160 24.21 6.89 -7.55
C LEU B 160 23.00 7.80 -7.85
N ILE B 161 21.96 7.24 -8.47
CA ILE B 161 20.79 8.04 -8.87
C ILE B 161 20.11 8.64 -7.64
N MET B 162 20.02 7.86 -6.57
CA MET B 162 19.43 8.35 -5.34
C MET B 162 20.24 9.46 -4.70
N ARG B 163 21.56 9.41 -4.79
CA ARG B 163 22.40 10.49 -4.29
C ARG B 163 22.13 11.76 -5.10
N LEU B 164 21.97 11.60 -6.41
CA LEU B 164 21.59 12.73 -7.26
C LEU B 164 20.21 13.28 -6.90
N ASP B 165 19.23 12.39 -6.68
CA ASP B 165 17.91 12.81 -6.19
C ASP B 165 17.99 13.61 -4.88
N ALA B 166 18.75 13.09 -3.92
CA ALA B 166 18.90 13.73 -2.60
C ALA B 166 19.51 15.11 -2.75
N SER B 167 20.54 15.22 -3.59
CA SER B 167 21.14 16.52 -3.94
C SER B 167 20.26 17.59 -4.60
N HIS B 168 19.33 17.21 -5.46
CA HIS B 168 18.45 18.19 -6.11
C HIS B 168 17.39 18.62 -5.13
N LYS B 169 16.99 17.68 -4.29
CA LYS B 169 16.03 17.98 -3.23
C LYS B 169 16.59 19.02 -2.28
N GLU B 170 17.89 18.94 -1.99
CA GLU B 170 18.54 19.96 -1.15
C GLU B 170 18.74 21.29 -1.88
N SER B 171 19.09 21.23 -3.16
CA SER B 171 19.15 22.43 -4.00
C SER B 171 17.78 23.11 -4.12
N SER B 172 16.72 22.32 -4.18
CA SER B 172 15.36 22.87 -4.29
C SER B 172 14.98 23.72 -3.09
N LEU B 173 15.24 23.23 -1.89
CA LEU B 173 14.93 23.97 -0.65
C LEU B 173 15.53 25.38 -0.61
N LYS B 174 16.71 25.57 -1.19
CA LYS B 174 17.48 26.82 -1.02
C LYS B 174 16.82 28.08 -1.57
N SER B 175 16.44 28.05 -2.84
CA SER B 175 15.87 29.24 -3.53
C SER B 175 14.65 29.83 -2.84
N LEU B 184 6.28 31.10 -7.12
CA LEU B 184 6.32 29.87 -7.89
C LEU B 184 4.91 29.37 -8.22
N GLN B 185 4.18 28.92 -7.21
CA GLN B 185 2.81 28.41 -7.39
C GLN B 185 1.97 28.55 -6.10
N ARG B 186 0.72 28.10 -6.17
CA ARG B 186 -0.22 28.23 -5.05
C ARG B 186 -0.75 26.89 -4.53
N GLU B 187 0.10 25.87 -4.58
CA GLU B 187 -0.17 24.56 -3.99
C GLU B 187 -0.04 24.71 -2.46
N LEU B 188 -1.08 25.25 -1.83
CA LEU B 188 -1.09 25.43 -0.37
C LEU B 188 -2.55 25.40 0.11
N GLY B 189 -3.22 24.30 -0.20
CA GLY B 189 -4.62 24.12 0.16
C GLY B 189 -5.57 24.86 -0.76
N GLY B 190 -5.19 24.97 -2.03
CA GLY B 190 -6.03 25.52 -3.08
C GLY B 190 -6.23 24.45 -4.10
N TYR B 191 -7.33 24.52 -4.84
CA TYR B 191 -7.61 23.53 -5.85
C TYR B 191 -6.77 23.84 -7.09
N VAL B 192 -5.85 22.93 -7.38
CA VAL B 192 -5.01 22.99 -8.57
C VAL B 192 -5.69 22.17 -9.64
N GLY B 193 -6.18 22.83 -10.69
CA GLY B 193 -6.87 22.12 -11.75
C GLY B 193 -7.78 23.03 -12.53
N GLY B 194 -8.20 22.54 -13.70
CA GLY B 194 -9.02 23.33 -14.60
C GLY B 194 -10.46 23.44 -14.11
N LYS B 195 -11.19 22.34 -14.24
CA LYS B 195 -12.62 22.33 -13.92
C LYS B 195 -12.87 21.68 -12.56
N ALA B 196 -13.86 22.21 -11.84
CA ALA B 196 -14.33 21.61 -10.60
C ALA B 196 -14.90 20.23 -10.92
N PRO B 197 -14.76 19.27 -10.00
CA PRO B 197 -15.30 17.94 -10.27
C PRO B 197 -16.81 17.94 -10.10
N TYR B 198 -17.48 16.93 -10.66
CA TYR B 198 -18.93 16.84 -10.58
C TYR B 198 -19.41 16.92 -9.14
N GLY B 199 -20.45 17.72 -8.91
CA GLY B 199 -20.96 18.01 -7.57
C GLY B 199 -20.52 19.36 -7.04
N PHE B 200 -19.44 19.90 -7.62
CA PHE B 200 -18.79 21.09 -7.06
C PHE B 200 -18.62 22.20 -8.09
N GLU B 201 -18.29 23.39 -7.57
CA GLU B 201 -17.86 24.52 -8.37
C GLU B 201 -16.63 25.13 -7.69
N LEU B 202 -15.93 26.00 -8.42
CA LEU B 202 -14.76 26.69 -7.88
C LEU B 202 -15.10 28.10 -7.43
N VAL B 203 -14.70 28.47 -6.21
CA VAL B 203 -14.86 29.85 -5.72
C VAL B 203 -13.50 30.40 -5.30
N SER B 204 -13.21 31.64 -5.71
CA SER B 204 -11.91 32.25 -5.41
CA SER B 204 -11.92 32.28 -5.41
C SER B 204 -11.87 32.75 -3.96
N GLU B 205 -10.67 32.76 -3.40
CA GLU B 205 -10.43 33.17 -2.02
C GLU B 205 -9.00 33.73 -1.93
N THR B 206 -8.80 34.75 -1.11
CA THR B 206 -7.48 35.33 -0.94
C THR B 206 -6.83 34.89 0.35
N LYS B 207 -5.66 34.27 0.25
CA LYS B 207 -4.86 33.96 1.41
C LYS B 207 -3.80 35.04 1.62
N GLU B 208 -3.70 35.49 2.87
CA GLU B 208 -2.75 36.50 3.27
C GLU B 208 -1.50 35.83 3.87
N ILE B 209 -0.40 35.89 3.13
CA ILE B 209 0.83 35.18 3.47
C ILE B 209 1.92 36.17 3.81
N THR B 210 2.75 35.84 4.80
CA THR B 210 3.99 36.56 5.02
C THR B 210 5.13 35.59 4.85
N ARG B 211 5.98 35.84 3.86
CA ARG B 211 7.07 34.94 3.54
C ARG B 211 8.36 35.72 3.70
N ASN B 212 9.16 35.33 4.68
CA ASN B 212 10.41 36.02 5.03
C ASN B 212 10.22 37.51 5.33
N GLY B 213 9.16 37.83 6.06
CA GLY B 213 8.87 39.22 6.44
C GLY B 213 8.25 40.07 5.33
N ARG B 214 7.78 39.44 4.27
CA ARG B 214 7.09 40.17 3.20
C ARG B 214 5.66 39.71 3.07
N MET B 215 4.72 40.66 3.11
CA MET B 215 3.30 40.36 2.97
C MET B 215 2.97 40.10 1.51
N VAL B 216 2.43 38.92 1.22
CA VAL B 216 2.00 38.58 -0.12
C VAL B 216 0.57 38.04 -0.06
N ASN B 217 -0.26 38.43 -1.04
CA ASN B 217 -1.60 37.87 -1.22
C ASN B 217 -1.62 36.86 -2.34
N VAL B 218 -2.16 35.68 -2.07
CA VAL B 218 -2.27 34.63 -3.07
C VAL B 218 -3.73 34.26 -3.25
N VAL B 219 -4.21 34.39 -4.47
CA VAL B 219 -5.59 34.09 -4.80
C VAL B 219 -5.67 32.61 -5.16
N ILE B 220 -6.45 31.85 -4.39
CA ILE B 220 -6.67 30.43 -4.67
C ILE B 220 -8.12 30.15 -5.03
N ASN B 221 -8.35 28.98 -5.61
CA ASN B 221 -9.70 28.46 -5.78
C ASN B 221 -9.96 27.38 -4.76
N LYS B 222 -11.11 27.47 -4.09
CA LYS B 222 -11.58 26.45 -3.17
C LYS B 222 -12.82 25.76 -3.74
N LEU B 223 -13.02 24.51 -3.35
CA LEU B 223 -14.17 23.73 -3.78
C LEU B 223 -15.40 24.14 -2.99
N ALA B 224 -16.51 24.40 -3.68
CA ALA B 224 -17.82 24.68 -3.04
C ALA B 224 -18.86 23.76 -3.68
N HIS B 225 -19.97 23.50 -2.98
CA HIS B 225 -21.03 22.71 -3.57
C HIS B 225 -21.60 23.49 -4.73
N SER B 226 -21.74 22.82 -5.88
CA SER B 226 -22.19 23.48 -7.11
C SER B 226 -23.56 24.14 -6.95
N THR B 227 -23.68 25.37 -7.44
CA THR B 227 -24.95 26.08 -7.46
C THR B 227 -25.40 26.40 -8.89
N THR B 228 -24.79 25.76 -9.88
CA THR B 228 -25.24 25.86 -11.26
C THR B 228 -26.66 25.28 -11.38
N PRO B 229 -27.66 26.10 -11.79
CA PRO B 229 -29.00 25.55 -11.98
C PRO B 229 -29.07 24.51 -13.11
N LEU B 230 -29.57 23.31 -12.79
CA LEU B 230 -29.66 22.21 -13.76
C LEU B 230 -31.01 22.17 -14.46
N THR B 231 -31.07 21.46 -15.58
CA THR B 231 -32.27 21.40 -16.42
C THR B 231 -33.40 20.58 -15.80
N GLY B 232 -33.14 19.31 -15.51
CA GLY B 232 -34.20 18.34 -15.26
C GLY B 232 -34.86 18.42 -13.88
N PRO B 233 -35.08 17.25 -13.23
CA PRO B 233 -35.84 17.21 -11.99
C PRO B 233 -35.05 17.50 -10.71
N PHE B 234 -33.74 17.72 -10.81
CA PHE B 234 -32.92 18.06 -9.63
C PHE B 234 -32.33 19.46 -9.77
N GLU B 235 -32.26 20.19 -8.65
CA GLU B 235 -31.90 21.60 -8.66
C GLU B 235 -30.41 21.81 -8.91
N PHE B 236 -29.56 21.16 -8.10
CA PHE B 236 -28.10 21.26 -8.24
C PHE B 236 -27.42 19.89 -8.27
N GLU B 237 -26.15 19.87 -8.66
CA GLU B 237 -25.42 18.62 -8.83
C GLU B 237 -25.35 17.77 -7.53
N PRO B 238 -25.20 18.41 -6.37
CA PRO B 238 -25.27 17.66 -5.11
C PRO B 238 -26.57 16.88 -4.91
N ASP B 239 -27.69 17.46 -5.35
CA ASP B 239 -28.99 16.78 -5.29
C ASP B 239 -29.03 15.50 -6.12
N VAL B 240 -28.36 15.52 -7.27
CA VAL B 240 -28.26 14.33 -8.11
C VAL B 240 -27.45 13.25 -7.40
N ILE B 241 -26.35 13.66 -6.77
CA ILE B 241 -25.49 12.71 -6.07
C ILE B 241 -26.25 12.06 -4.89
N ARG B 242 -26.92 12.89 -4.08
CA ARG B 242 -27.69 12.35 -2.96
C ARG B 242 -28.80 11.41 -3.45
N TRP B 243 -29.40 11.75 -4.58
CA TRP B 243 -30.41 10.89 -5.20
C TRP B 243 -29.85 9.53 -5.59
N TRP B 244 -28.63 9.49 -6.14
CA TRP B 244 -28.02 8.23 -6.49
C TRP B 244 -27.99 7.29 -5.28
N TRP B 245 -27.63 7.84 -4.11
CA TRP B 245 -27.47 7.02 -2.92
C TRP B 245 -28.81 6.55 -2.42
N ARG B 246 -29.81 7.42 -2.56
CA ARG B 246 -31.18 7.12 -2.15
C ARG B 246 -31.72 5.94 -2.98
N GLU B 247 -31.43 5.94 -4.28
CA GLU B 247 -31.87 4.87 -5.19
C GLU B 247 -31.17 3.54 -4.96
N ILE B 248 -29.90 3.57 -4.56
CA ILE B 248 -29.01 2.40 -4.46
CA ILE B 248 -29.17 2.31 -4.50
C ILE B 248 -28.96 1.75 -3.10
N LYS B 249 -29.04 2.60 -2.06
CA LYS B 249 -28.79 2.14 -0.70
C LYS B 249 -29.57 0.87 -0.35
N THR B 250 -28.86 -0.12 0.18
CA THR B 250 -29.47 -1.34 0.69
C THR B 250 -29.81 -1.15 2.17
N HIS B 251 -31.11 -1.09 2.45
CA HIS B 251 -31.58 -1.02 3.83
C HIS B 251 -31.75 -2.43 4.37
N LYS B 252 -32.21 -3.32 3.49
CA LYS B 252 -32.56 -4.69 3.86
C LYS B 252 -32.09 -5.65 2.80
N GLY B 267 -31.91 -2.19 -7.40
CA GLY B 267 -31.33 -0.86 -7.61
C GLY B 267 -29.87 -0.95 -8.06
N SER B 268 -29.61 -0.50 -9.29
CA SER B 268 -28.38 -0.79 -10.02
C SER B 268 -27.81 0.48 -10.65
N ILE B 269 -26.50 0.50 -10.93
CA ILE B 269 -25.87 1.68 -11.50
C ILE B 269 -26.27 1.88 -12.97
N THR B 270 -26.35 0.80 -13.73
CA THR B 270 -26.86 0.87 -15.09
C THR B 270 -28.28 1.41 -15.09
N GLY B 271 -29.08 0.92 -14.14
CA GLY B 271 -30.43 1.40 -13.92
C GLY B 271 -30.49 2.90 -13.65
N LEU B 272 -29.59 3.39 -12.80
CA LEU B 272 -29.53 4.84 -12.55
C LEU B 272 -29.28 5.61 -13.84
N CYS B 273 -28.39 5.09 -14.69
CA CYS B 273 -28.02 5.78 -15.92
C CYS B 273 -29.18 5.82 -16.91
N LYS B 274 -29.91 4.70 -17.02
CA LYS B 274 -31.06 4.63 -17.91
C LYS B 274 -32.18 5.55 -17.41
N ARG B 275 -32.40 5.58 -16.10
CA ARG B 275 -33.36 6.50 -15.48
C ARG B 275 -32.99 7.96 -15.69
N MET B 276 -31.69 8.26 -15.59
CA MET B 276 -31.22 9.64 -15.75
C MET B 276 -31.46 10.16 -17.16
N ASP B 277 -31.18 9.32 -18.15
CA ASP B 277 -31.40 9.69 -19.54
C ASP B 277 -32.89 9.90 -19.81
N ALA B 278 -33.74 9.02 -19.27
CA ALA B 278 -35.19 9.13 -19.42
C ALA B 278 -35.77 10.37 -18.72
N ASP B 279 -35.36 10.60 -17.48
CA ASP B 279 -35.84 11.75 -16.71
C ASP B 279 -35.14 13.07 -17.05
N ALA B 280 -34.23 13.05 -18.01
CA ALA B 280 -33.52 14.26 -18.45
C ALA B 280 -32.64 14.87 -17.35
N VAL B 281 -31.90 14.03 -16.64
CA VAL B 281 -30.90 14.52 -15.71
C VAL B 281 -29.65 14.85 -16.52
N PRO B 282 -29.27 16.13 -16.58
CA PRO B 282 -28.23 16.56 -17.51
C PRO B 282 -26.85 16.02 -17.17
N THR B 283 -26.08 15.68 -18.19
CA THR B 283 -24.66 15.41 -18.02
C THR B 283 -24.02 16.78 -18.00
N ARG B 284 -22.79 16.90 -17.55
CA ARG B 284 -22.25 18.23 -17.41
C ARG B 284 -22.12 18.89 -18.79
N GLY B 285 -22.75 20.05 -18.95
CA GLY B 285 -22.78 20.73 -20.25
C GLY B 285 -23.83 21.82 -20.27
N SER B 295 -23.47 12.16 -25.39
CA SER B 295 -23.82 12.93 -24.19
C SER B 295 -24.73 12.12 -23.27
N ALA B 296 -24.41 10.83 -23.11
CA ALA B 296 -25.17 9.93 -22.26
C ALA B 296 -24.42 9.67 -20.96
N TRP B 297 -25.15 9.26 -19.92
CA TRP B 297 -24.53 8.92 -18.63
C TRP B 297 -23.89 7.53 -18.71
N ASP B 298 -22.63 7.46 -18.32
CA ASP B 298 -21.88 6.21 -18.33
C ASP B 298 -21.79 5.65 -16.90
N PRO B 299 -22.10 4.36 -16.71
CA PRO B 299 -21.94 3.73 -15.40
C PRO B 299 -20.56 3.96 -14.75
N ALA B 300 -19.50 3.88 -15.56
CA ALA B 300 -18.13 4.06 -15.06
C ALA B 300 -17.94 5.46 -14.45
N THR B 301 -18.62 6.45 -15.03
CA THR B 301 -18.52 7.84 -14.58
C THR B 301 -19.24 8.03 -13.27
N VAL B 302 -20.42 7.43 -13.16
CA VAL B 302 -21.20 7.49 -11.93
C VAL B 302 -20.39 6.88 -10.79
N MET B 303 -19.83 5.70 -11.03
CA MET B 303 -19.03 5.05 -10.00
C MET B 303 -17.77 5.82 -9.66
N ARG B 304 -17.12 6.39 -10.68
CA ARG B 304 -15.94 7.25 -10.42
C ARG B 304 -16.26 8.42 -9.48
N ILE B 305 -17.43 9.02 -9.66
CA ILE B 305 -17.93 10.10 -8.79
C ILE B 305 -18.28 9.58 -7.40
N LEU B 306 -18.96 8.44 -7.33
CA LEU B 306 -19.34 7.85 -6.03
C LEU B 306 -18.12 7.42 -5.20
N ARG B 307 -16.99 7.15 -5.86
CA ARG B 307 -15.73 6.86 -5.21
C ARG B 307 -15.03 8.12 -4.65
N ASP B 308 -15.47 9.30 -5.06
CA ASP B 308 -14.77 10.54 -4.72
C ASP B 308 -14.95 10.87 -3.25
N PRO B 309 -13.86 10.86 -2.44
CA PRO B 309 -14.00 11.18 -1.02
C PRO B 309 -14.46 12.62 -0.78
N ARG B 310 -14.28 13.49 -1.77
CA ARG B 310 -14.66 14.89 -1.63
C ARG B 310 -16.16 15.04 -1.43
N ILE B 311 -16.96 14.11 -1.98
CA ILE B 311 -18.41 14.14 -1.79
C ILE B 311 -18.78 13.83 -0.33
N ALA B 312 -17.88 13.20 0.43
CA ALA B 312 -18.06 13.03 1.88
C ALA B 312 -17.49 14.22 2.68
N GLY B 313 -17.01 15.25 2.00
CA GLY B 313 -16.36 16.39 2.66
C GLY B 313 -14.87 16.19 2.99
N PHE B 314 -14.25 15.16 2.43
CA PHE B 314 -12.83 14.88 2.69
C PHE B 314 -11.97 15.42 1.54
N ALA B 315 -10.91 16.14 1.88
CA ALA B 315 -9.92 16.56 0.86
C ALA B 315 -9.26 15.32 0.29
N ALA B 316 -8.99 15.32 -1.01
CA ALA B 316 -8.38 14.18 -1.65
C ALA B 316 -7.58 14.59 -2.87
N GLU B 317 -6.53 13.80 -3.15
CA GLU B 317 -5.75 13.92 -4.36
C GLU B 317 -6.37 12.99 -5.38
N VAL B 318 -6.53 13.47 -6.62
CA VAL B 318 -7.00 12.61 -7.70
C VAL B 318 -5.82 11.86 -8.33
N ILE B 319 -5.93 10.55 -8.41
CA ILE B 319 -4.89 9.70 -8.99
C ILE B 319 -5.29 9.38 -10.42
N TYR B 320 -4.45 9.73 -11.37
CA TYR B 320 -4.73 9.49 -12.77
C TYR B 320 -4.06 8.21 -13.27
N LYS B 321 -4.65 7.59 -14.29
CA LYS B 321 -4.04 6.44 -14.96
C LYS B 321 -2.83 6.91 -15.75
N LYS B 322 -1.74 6.19 -15.57
CA LYS B 322 -0.48 6.54 -16.21
C LYS B 322 -0.26 5.64 -17.42
N LYS B 323 0.36 6.19 -18.45
CA LYS B 323 0.83 5.40 -19.59
C LYS B 323 2.02 4.52 -19.17
N PRO B 324 2.39 3.54 -20.00
CA PRO B 324 3.56 2.72 -19.65
C PRO B 324 4.78 3.61 -19.39
N ASP B 325 4.89 4.66 -20.20
CA ASP B 325 5.85 5.74 -20.03
C ASP B 325 5.92 6.35 -18.61
N GLY B 326 4.78 6.42 -17.94
CA GLY B 326 4.70 7.07 -16.64
C GLY B 326 3.94 8.38 -16.72
N THR B 327 3.78 8.92 -17.92
CA THR B 327 3.04 10.17 -18.13
C THR B 327 1.56 9.97 -17.86
N PRO B 328 0.97 10.82 -17.01
CA PRO B 328 -0.42 10.64 -16.64
C PRO B 328 -1.36 10.97 -17.78
N THR B 329 -2.46 10.23 -17.87
CA THR B 329 -3.53 10.52 -18.81
C THR B 329 -4.54 11.44 -18.11
N THR B 330 -5.66 11.70 -18.76
CA THR B 330 -6.73 12.47 -18.15
C THR B 330 -7.76 11.56 -17.48
N LYS B 331 -7.52 10.24 -17.48
CA LYS B 331 -8.47 9.28 -16.92
C LYS B 331 -8.20 9.09 -15.44
N ILE B 332 -9.25 9.16 -14.63
CA ILE B 332 -9.11 9.03 -13.20
C ILE B 332 -9.03 7.55 -12.84
N GLU B 333 -8.00 7.19 -12.08
CA GLU B 333 -7.83 5.84 -11.58
C GLU B 333 -8.46 5.71 -10.20
N GLY B 334 -8.33 6.75 -9.39
CA GLY B 334 -8.89 6.71 -8.04
C GLY B 334 -8.52 7.95 -7.26
N TYR B 335 -8.57 7.85 -5.95
CA TYR B 335 -8.40 8.99 -5.08
C TYR B 335 -7.61 8.61 -3.86
N ARG B 336 -6.84 9.56 -3.34
CA ARG B 336 -6.14 9.38 -2.08
C ARG B 336 -6.59 10.43 -1.08
N ILE B 337 -7.22 9.99 0.01
CA ILE B 337 -7.73 10.91 1.01
C ILE B 337 -6.55 11.63 1.66
N GLN B 338 -6.65 12.94 1.77
CA GLN B 338 -5.64 13.73 2.46
C GLN B 338 -5.85 13.63 3.96
N ARG B 339 -4.78 13.33 4.70
CA ARG B 339 -4.88 13.00 6.12
C ARG B 339 -3.92 13.80 7.02
N ASP B 340 -4.34 14.06 8.25
CA ASP B 340 -3.44 14.66 9.22
C ASP B 340 -2.24 13.75 9.40
N PRO B 341 -1.01 14.31 9.35
CA PRO B 341 0.17 13.45 9.46
C PRO B 341 0.35 12.70 10.79
N ILE B 342 -0.25 13.19 11.87
CA ILE B 342 -0.09 12.55 13.19
C ILE B 342 -1.24 11.61 13.55
N THR B 343 -2.48 12.08 13.40
CA THR B 343 -3.66 11.28 13.75
C THR B 343 -4.19 10.42 12.62
N LEU B 344 -3.80 10.75 11.38
CA LEU B 344 -4.34 10.14 10.15
C LEU B 344 -5.79 10.48 9.83
N ARG B 345 -6.36 11.42 10.56
CA ARG B 345 -7.75 11.81 10.38
C ARG B 345 -7.91 12.56 9.06
N PRO B 346 -8.98 12.31 8.30
CA PRO B 346 -9.10 13.02 7.01
C PRO B 346 -9.19 14.52 7.17
N VAL B 347 -8.48 15.26 6.31
CA VAL B 347 -8.61 16.71 6.27
C VAL B 347 -9.99 17.02 5.68
N GLU B 348 -10.71 17.92 6.31
CA GLU B 348 -12.08 18.25 5.88
C GLU B 348 -12.10 19.47 4.96
N LEU B 349 -12.84 19.37 3.86
CA LEU B 349 -13.10 20.53 3.00
C LEU B 349 -13.98 21.51 3.76
N ASP B 350 -13.68 22.80 3.61
CA ASP B 350 -14.47 23.85 4.26
C ASP B 350 -15.96 23.80 3.89
N CYS B 351 -16.26 23.38 2.66
CA CYS B 351 -17.63 23.35 2.16
C CYS B 351 -18.51 22.24 2.78
N GLY B 352 -17.88 21.28 3.47
CA GLY B 352 -18.64 20.22 4.12
C GLY B 352 -19.08 19.11 3.15
N PRO B 353 -19.75 18.09 3.68
CA PRO B 353 -20.12 16.90 2.90
C PRO B 353 -21.34 17.11 2.03
N ILE B 354 -21.36 16.44 0.88
CA ILE B 354 -22.57 16.29 0.09
C ILE B 354 -23.34 15.08 0.64
N ILE B 355 -22.64 13.97 0.84
CA ILE B 355 -23.19 12.80 1.52
C ILE B 355 -22.44 12.65 2.84
N GLU B 356 -23.14 12.45 3.95
CA GLU B 356 -22.47 12.33 5.25
C GLU B 356 -21.44 11.18 5.24
N PRO B 357 -20.29 11.38 5.92
CA PRO B 357 -19.24 10.35 5.96
C PRO B 357 -19.73 8.93 6.24
N ALA B 358 -20.56 8.74 7.26
CA ALA B 358 -21.09 7.42 7.59
C ALA B 358 -21.74 6.78 6.35
N GLU B 359 -22.57 7.55 5.64
CA GLU B 359 -23.23 7.05 4.45
C GLU B 359 -22.22 6.79 3.34
N TRP B 360 -21.21 7.66 3.23
CA TRP B 360 -20.22 7.51 2.20
C TRP B 360 -19.45 6.18 2.37
N TYR B 361 -19.11 5.83 3.61
CA TYR B 361 -18.37 4.60 3.84
C TYR B 361 -19.25 3.39 3.55
N GLU B 362 -20.53 3.49 3.89
CA GLU B 362 -21.48 2.47 3.51
C GLU B 362 -21.55 2.33 1.98
N LEU B 363 -21.58 3.46 1.29
CA LEU B 363 -21.59 3.47 -0.17
C LEU B 363 -20.34 2.77 -0.72
N GLN B 364 -19.18 3.01 -0.12
CA GLN B 364 -17.95 2.37 -0.64
C GLN B 364 -18.05 0.86 -0.47
N ALA B 365 -18.59 0.41 0.65
CA ALA B 365 -18.81 -1.02 0.87
C ALA B 365 -19.79 -1.59 -0.16
N TRP B 366 -20.79 -0.80 -0.54
CA TRP B 366 -21.77 -1.23 -1.52
C TRP B 366 -21.12 -1.40 -2.90
N LEU B 367 -20.29 -0.42 -3.28
CA LEU B 367 -19.55 -0.50 -4.53
C LEU B 367 -18.58 -1.70 -4.52
N ASP B 368 -17.90 -1.95 -3.40
CA ASP B 368 -16.99 -3.12 -3.30
C ASP B 368 -17.74 -4.44 -3.45
N GLY B 369 -18.92 -4.52 -2.85
CA GLY B 369 -19.79 -5.68 -2.98
C GLY B 369 -20.28 -5.91 -4.39
N ARG B 370 -20.54 -4.83 -5.12
CA ARG B 370 -20.88 -4.92 -6.54
C ARG B 370 -19.65 -5.35 -7.34
N GLY B 371 -18.49 -4.77 -7.04
CA GLY B 371 -17.23 -5.11 -7.72
C GLY B 371 -16.79 -6.56 -7.55
N ARG B 372 -17.05 -7.11 -6.36
CA ARG B 372 -16.71 -8.52 -6.06
C ARG B 372 -17.82 -9.49 -6.52
N GLY B 373 -18.99 -8.96 -6.84
CA GLY B 373 -20.15 -9.77 -7.22
C GLY B 373 -20.85 -10.43 -6.04
N LYS B 374 -20.64 -9.86 -4.85
CA LYS B 374 -21.20 -10.43 -3.61
C LYS B 374 -21.08 -9.38 -2.50
N GLY B 375 -22.19 -9.12 -1.83
CA GLY B 375 -22.23 -8.15 -0.74
C GLY B 375 -21.34 -8.53 0.43
N LEU B 376 -20.78 -7.52 1.09
CA LEU B 376 -19.91 -7.72 2.23
C LEU B 376 -20.73 -7.82 3.51
N SER B 377 -20.36 -8.71 4.40
CA SER B 377 -20.88 -8.65 5.78
C SER B 377 -20.42 -7.35 6.42
N ARG B 378 -21.00 -7.02 7.57
CA ARG B 378 -20.59 -5.85 8.31
C ARG B 378 -19.08 -5.91 8.65
N GLY B 379 -18.63 -7.04 9.17
CA GLY B 379 -17.21 -7.24 9.50
C GLY B 379 -16.29 -7.10 8.32
N GLN B 380 -16.70 -7.67 7.18
CA GLN B 380 -15.90 -7.61 5.98
C GLN B 380 -15.83 -6.18 5.46
N ALA B 381 -16.92 -5.44 5.64
CA ALA B 381 -16.93 -4.06 5.18
C ALA B 381 -15.94 -3.26 6.01
N ILE B 382 -15.94 -3.48 7.33
CA ILE B 382 -15.01 -2.75 8.21
C ILE B 382 -13.58 -3.10 7.83
N LEU B 383 -13.34 -4.40 7.62
CA LEU B 383 -12.01 -4.94 7.33
C LEU B 383 -11.51 -4.45 5.99
N SER B 384 -12.41 -4.36 5.01
CA SER B 384 -12.06 -3.86 3.69
C SER B 384 -11.72 -2.37 3.72
N ALA B 385 -12.49 -1.58 4.45
CA ALA B 385 -12.19 -0.16 4.61
C ALA B 385 -10.81 0.04 5.25
N MET B 386 -10.52 -0.78 6.25
CA MET B 386 -9.19 -0.74 6.89
C MET B 386 -8.09 -1.07 5.88
N ASP B 387 -8.32 -2.11 5.08
CA ASP B 387 -7.34 -2.51 4.07
C ASP B 387 -7.01 -1.39 3.08
N LYS B 388 -8.02 -0.67 2.60
CA LYS B 388 -7.78 0.49 1.75
C LYS B 388 -6.92 1.56 2.44
N LEU B 389 -7.21 1.83 3.72
CA LEU B 389 -6.39 2.77 4.46
C LEU B 389 -4.94 2.30 4.55
N TYR B 390 -4.71 1.03 4.85
CA TYR B 390 -3.34 0.55 5.01
C TYR B 390 -2.53 0.74 3.73
N CYS B 391 -3.17 0.61 2.57
CA CYS B 391 -2.49 0.86 1.29
C CYS B 391 -2.23 2.36 1.03
N GLU B 392 -3.21 3.20 1.32
CA GLU B 392 -3.00 4.66 1.27
C GLU B 392 -1.82 5.12 2.15
N CYS B 393 -1.76 4.60 3.38
CA CYS B 393 -0.69 4.99 4.31
C CYS B 393 0.72 4.72 3.77
N GLY B 394 0.92 3.57 3.13
CA GLY B 394 2.24 3.24 2.55
C GLY B 394 2.67 4.10 1.37
N ALA B 395 1.71 4.58 0.59
CA ALA B 395 1.95 5.50 -0.54
C ALA B 395 2.40 6.91 -0.08
N VAL B 396 2.11 7.38 1.01
#